data_6AOD
#
_entry.id   6AOD
#
_cell.length_a   136.127
_cell.length_b   136.127
_cell.length_c   175.956
_cell.angle_alpha   90.00
_cell.angle_beta   90.00
_cell.angle_gamma   90.00
#
_symmetry.space_group_name_H-M   'I 4 2 2'
#
loop_
_entity.id
_entity.type
_entity.pdbx_description
1 polymer 'FXIa Antibody FAB Light Chain'
2 polymer 'FXIa Antibody FAB Heavy Chain'
3 polymer 'Coagulation factor XI'
4 non-polymer 'SULFATE ION'
5 non-polymer GLYCEROL
6 non-polymer 'COBALT (II) ION'
7 non-polymer 'PHOSPHATE ION'
8 water water
#
loop_
_entity_poly.entity_id
_entity_poly.type
_entity_poly.pdbx_seq_one_letter_code
_entity_poly.pdbx_strand_id
1 'polypeptide(L)'
;DIVMTKSPSSLSASVGDRVTITCRASQGIRNDLGWYQQKPGKAPKRLIYAASSLQSGVPSRFSGSGSGTEFTLTISSLQP
EDFATYYCLQHDIYASTFGPGTKVDIKRTVAAPSVFIFPPSDEQLKSGTASVVCLLNNFYPREAKVQWKVDNALQSGNSQ
ESVTEQDSKDSTYSLSSTLTLSKADYEKHKVYACEVTHQGLSSPVTKSFNRGEC
;
A
2 'polypeptide(L)'
;EVQLVQSGAEVKKPGASVKVSCKASGYTFTGYYMHWVRQAPGQGLEWMGWIDPDEGDTNYAQKFQGRVTMTRDTSISTAY
MELSRLRSDDTAVYYCARLASGFRDYWGQGTLVTVSSASTKGPSVFPLAPSSKSTSGGTAALGCLVKDYFPEPVTVSWNS
GALTSGVHTFPAVLQSSGLYSLSSVVTVPSSSLGTQTYICNVNHKPSNTKVDKKVEPKSCGGSHHHHHH
;
B
3 'polypeptide(L)'
;IVGGTASVRGEWPWQVTLHTTSPTQRHLCGGSIIGNQWILTAAHCFYGVESPKILRVYSGILQQSEIKEDTSFFGVQEII
IHDQYKMAESGYDIALLKLETTVQYTDSQRPISLPSKGDRNVIYTDCWVTGWGYRKLRDKIQNTLQKAKIPLVTNEECQK
RYRGHKITHKMICAGYREGGKDACKGDAGGPLSCKHNEVWHLVGITSWGEGCAQRERPGVYTNVVEYVDWILEKTQAHHH
HHHHH
;
C
#
# COMPACT_ATOMS: atom_id res chain seq x y z
N PRO A 8 -8.70 -6.30 0.25
CA PRO A 8 -7.74 -7.39 -0.14
C PRO A 8 -8.40 -8.40 -1.15
N SER A 9 -7.67 -8.78 -2.19
CA SER A 9 -8.28 -9.41 -3.35
C SER A 9 -7.53 -10.72 -3.69
N SER A 10 -8.22 -11.67 -4.31
CA SER A 10 -7.61 -12.97 -4.59
C SER A 10 -7.85 -13.29 -6.05
N LEU A 11 -6.84 -13.83 -6.72
CA LEU A 11 -6.93 -14.08 -8.13
C LEU A 11 -6.31 -15.44 -8.35
N SER A 12 -7.03 -16.43 -8.88
CA SER A 12 -6.44 -17.71 -9.15
C SER A 12 -6.08 -17.79 -10.61
N ALA A 13 -4.82 -18.06 -10.89
CA ALA A 13 -4.35 -18.07 -12.28
C ALA A 13 -3.49 -19.31 -12.53
N SER A 14 -3.45 -19.69 -13.78
CA SER A 14 -2.48 -20.78 -14.25
C SER A 14 -1.17 -20.26 -14.69
N VAL A 15 -0.11 -21.04 -14.56
CA VAL A 15 1.15 -20.81 -15.25
C VAL A 15 0.83 -20.48 -16.72
N GLY A 16 1.47 -19.48 -17.29
CA GLY A 16 1.14 -19.05 -18.66
C GLY A 16 0.01 -18.00 -18.85
N ASP A 17 -0.86 -17.80 -17.87
CA ASP A 17 -1.93 -16.76 -18.00
C ASP A 17 -1.30 -15.36 -18.02
N ARG A 18 -2.02 -14.48 -18.65
CA ARG A 18 -1.76 -13.11 -18.59
C ARG A 18 -2.62 -12.53 -17.46
N VAL A 19 -2.03 -11.69 -16.63
CA VAL A 19 -2.76 -11.05 -15.54
C VAL A 19 -2.52 -9.52 -15.60
N THR A 20 -3.59 -8.78 -15.30
CA THR A 20 -3.59 -7.33 -15.30
C THR A 20 -4.25 -6.88 -13.99
N ILE A 21 -3.51 -6.12 -13.22
CA ILE A 21 -3.99 -5.57 -11.98
C ILE A 21 -4.09 -4.07 -12.14
N THR A 22 -5.19 -3.53 -11.67
CA THR A 22 -5.54 -2.14 -11.75
C THR A 22 -5.53 -1.45 -10.39
N CYS A 23 -4.89 -0.30 -10.33
CA CYS A 23 -4.82 0.59 -9.16
CA CYS A 23 -4.97 0.56 -9.16
C CYS A 23 -5.44 1.96 -9.64
N ARG A 24 -6.01 2.73 -8.74
CA ARG A 24 -6.46 4.09 -8.99
C ARG A 24 -5.71 5.09 -8.13
N ALA A 25 -5.33 6.21 -8.73
CA ALA A 25 -4.67 7.27 -7.99
C ALA A 25 -4.93 8.59 -8.76
N SER A 26 -4.86 9.69 -8.05
CA SER A 26 -4.82 11.00 -8.72
C SER A 26 -3.88 11.08 -9.85
N GLN A 27 -4.30 11.65 -10.98
CA GLN A 27 -3.38 11.97 -12.04
C GLN A 27 -2.29 12.99 -11.59
N GLY A 28 -2.56 13.69 -10.51
CA GLY A 28 -1.61 14.57 -9.84
C GLY A 28 -0.32 13.96 -9.37
N ILE A 29 -0.27 12.60 -9.33
CA ILE A 29 0.94 11.94 -8.87
C ILE A 29 2.05 11.96 -9.85
N ARG A 30 1.78 12.41 -11.09
CA ARG A 30 2.76 12.51 -12.09
C ARG A 30 3.50 11.22 -12.35
N ASN A 31 2.69 10.19 -12.54
CA ASN A 31 3.15 8.86 -12.73
C ASN A 31 3.95 8.21 -11.56
N ASP A 32 3.94 8.81 -10.38
CA ASP A 32 4.78 8.33 -9.31
C ASP A 32 4.06 7.19 -8.58
N LEU A 33 4.06 6.05 -9.27
CA LEU A 33 3.39 4.86 -8.80
C LEU A 33 4.27 3.66 -8.96
N GLY A 34 4.49 2.95 -7.83
CA GLY A 34 5.26 1.76 -7.83
C GLY A 34 4.42 0.46 -7.69
N TRP A 35 4.93 -0.64 -8.20
CA TRP A 35 4.30 -1.92 -8.07
C TRP A 35 5.32 -2.84 -7.33
N TYR A 36 4.81 -3.52 -6.31
CA TYR A 36 5.61 -4.32 -5.42
C TYR A 36 5.01 -5.77 -5.35
N GLN A 37 5.91 -6.71 -5.20
CA GLN A 37 5.65 -8.11 -5.05
C GLN A 37 6.11 -8.60 -3.67
N GLN A 38 5.28 -9.38 -3.01
CA GLN A 38 5.62 -9.83 -1.70
C GLN A 38 5.24 -11.33 -1.60
N LYS A 39 6.23 -12.07 -1.17
CA LYS A 39 6.03 -13.53 -0.84
C LYS A 39 6.06 -13.71 0.66
N PRO A 40 5.42 -14.77 1.16
CA PRO A 40 5.22 -14.91 2.68
C PRO A 40 6.54 -14.92 3.44
N GLY A 41 6.61 -14.22 4.55
CA GLY A 41 7.82 -14.28 5.32
C GLY A 41 8.94 -13.36 4.84
N LYS A 42 8.70 -12.60 3.75
CA LYS A 42 9.74 -11.75 3.16
C LYS A 42 9.28 -10.33 2.98
N ALA A 43 10.22 -9.42 2.96
CA ALA A 43 9.93 -8.01 2.65
C ALA A 43 9.45 -7.92 1.18
N PRO A 44 8.61 -6.90 0.83
CA PRO A 44 8.22 -6.68 -0.56
C PRO A 44 9.45 -6.37 -1.43
N LYS A 45 9.33 -6.62 -2.70
CA LYS A 45 10.35 -6.26 -3.74
C LYS A 45 9.61 -5.43 -4.80
N ARG A 46 10.19 -4.25 -5.09
CA ARG A 46 9.62 -3.38 -6.16
C ARG A 46 9.93 -3.98 -7.54
N LEU A 47 8.90 -4.03 -8.38
CA LEU A 47 9.01 -4.47 -9.78
C LEU A 47 9.10 -3.29 -10.75
N ILE A 48 8.27 -2.27 -10.50
CA ILE A 48 8.07 -1.14 -11.47
C ILE A 48 8.07 0.09 -10.58
N TYR A 49 8.75 1.13 -11.04
CA TYR A 49 8.57 2.48 -10.55
C TYR A 49 8.16 3.45 -11.66
N ALA A 50 7.68 4.60 -11.26
CA ALA A 50 7.25 5.64 -12.20
C ALA A 50 6.20 5.09 -13.16
N ALA A 51 5.29 4.24 -12.63
CA ALA A 51 4.21 3.64 -13.35
C ALA A 51 4.57 2.63 -14.42
N SER A 52 5.63 2.85 -15.19
CA SER A 52 5.99 2.03 -16.31
C SER A 52 7.44 1.72 -16.44
N SER A 53 8.33 2.20 -15.57
CA SER A 53 9.71 1.84 -15.69
C SER A 53 10.04 0.54 -14.93
N LEU A 54 10.58 -0.42 -15.65
CA LEU A 54 10.98 -1.69 -15.10
C LEU A 54 12.27 -1.55 -14.33
N GLN A 55 12.25 -1.98 -13.09
CA GLN A 55 13.39 -1.81 -12.26
C GLN A 55 14.47 -2.80 -12.71
N SER A 56 15.69 -2.40 -12.50
CA SER A 56 16.86 -3.20 -12.84
C SER A 56 16.74 -4.53 -12.09
N GLY A 57 16.94 -5.62 -12.82
CA GLY A 57 16.95 -6.91 -12.30
C GLY A 57 15.61 -7.59 -12.38
N VAL A 58 14.57 -6.85 -12.82
CA VAL A 58 13.22 -7.40 -12.96
C VAL A 58 12.99 -7.91 -14.38
N PRO A 59 12.48 -9.13 -14.50
CA PRO A 59 12.18 -9.72 -15.82
C PRO A 59 11.20 -8.93 -16.69
N SER A 60 11.34 -9.06 -18.01
CA SER A 60 10.62 -8.21 -18.91
C SER A 60 9.11 -8.58 -19.07
N ARG A 61 8.71 -9.74 -18.59
CA ARG A 61 7.29 -10.09 -18.57
C ARG A 61 6.40 -9.16 -17.69
N PHE A 62 7.03 -8.42 -16.81
CA PHE A 62 6.34 -7.46 -15.99
C PHE A 62 6.34 -6.11 -16.75
N SER A 63 5.21 -5.45 -16.76
CA SER A 63 5.16 -4.09 -17.34
C SER A 63 4.09 -3.31 -16.65
N GLY A 64 4.18 -2.00 -16.77
CA GLY A 64 3.19 -1.13 -16.15
C GLY A 64 2.72 -0.06 -17.11
N SER A 65 1.54 0.45 -16.87
CA SER A 65 1.01 1.54 -17.63
CA SER A 65 1.04 1.57 -17.63
C SER A 65 0.23 2.51 -16.74
N GLY A 66 0.18 3.79 -17.13
CA GLY A 66 -0.60 4.81 -16.45
C GLY A 66 -1.35 5.61 -17.50
N SER A 67 -2.59 5.94 -17.24
CA SER A 67 -3.33 6.90 -18.06
C SER A 67 -4.44 7.47 -17.22
N GLY A 68 -4.38 8.80 -17.00
CA GLY A 68 -5.32 9.44 -16.11
C GLY A 68 -5.14 8.96 -14.67
N THR A 69 -6.23 8.50 -14.04
CA THR A 69 -6.24 7.99 -12.75
C THR A 69 -6.08 6.45 -12.69
N GLU A 70 -5.77 5.85 -13.80
CA GLU A 70 -5.78 4.41 -13.97
C GLU A 70 -4.42 3.86 -14.21
N PHE A 71 -4.00 2.98 -13.28
CA PHE A 71 -2.65 2.45 -13.36
C PHE A 71 -2.73 0.93 -13.34
N THR A 72 -1.96 0.28 -14.23
CA THR A 72 -2.05 -1.16 -14.43
C THR A 72 -0.69 -1.85 -14.45
N LEU A 73 -0.59 -2.96 -13.71
CA LEU A 73 0.53 -3.88 -13.78
C LEU A 73 0.10 -5.06 -14.69
N THR A 74 0.90 -5.45 -15.65
CA THR A 74 0.62 -6.63 -16.47
C THR A 74 1.75 -7.62 -16.36
N ILE A 75 1.37 -8.89 -16.14
CA ILE A 75 2.35 -9.98 -16.13
C ILE A 75 1.91 -10.73 -17.39
N SER A 76 2.76 -10.70 -18.44
CA SER A 76 2.38 -11.21 -19.78
C SER A 76 2.10 -12.69 -19.78
N SER A 77 2.95 -13.45 -19.08
CA SER A 77 2.82 -14.90 -19.03
C SER A 77 3.36 -15.38 -17.68
N LEU A 78 2.47 -15.78 -16.76
CA LEU A 78 2.90 -16.01 -15.41
C LEU A 78 3.87 -17.22 -15.34
N GLN A 79 4.91 -17.09 -14.57
CA GLN A 79 5.83 -18.18 -14.28
C GLN A 79 5.63 -18.62 -12.82
N PRO A 80 6.05 -19.84 -12.48
CA PRO A 80 5.89 -20.35 -11.13
C PRO A 80 6.36 -19.42 -10.03
N GLU A 81 7.47 -18.77 -10.24
CA GLU A 81 8.01 -17.83 -9.25
C GLU A 81 7.22 -16.47 -9.11
N ASP A 82 6.21 -16.24 -9.92
CA ASP A 82 5.41 -15.03 -9.93
C ASP A 82 4.18 -15.06 -9.02
N PHE A 83 3.84 -16.21 -8.47
CA PHE A 83 2.70 -16.33 -7.54
C PHE A 83 3.09 -15.74 -6.22
N ALA A 84 2.34 -14.71 -5.82
CA ALA A 84 2.73 -13.76 -4.75
C ALA A 84 1.62 -12.77 -4.56
N THR A 85 1.81 -11.87 -3.61
CA THR A 85 0.86 -10.76 -3.41
C THR A 85 1.44 -9.50 -4.00
N TYR A 86 0.61 -8.80 -4.76
CA TYR A 86 1.05 -7.56 -5.49
C TYR A 86 0.37 -6.34 -4.91
N TYR A 87 1.11 -5.27 -4.71
CA TYR A 87 0.56 -3.98 -4.15
C TYR A 87 1.04 -2.79 -5.05
N CYS A 88 0.17 -1.79 -5.31
CA CYS A 88 0.64 -0.50 -5.81
C CYS A 88 0.92 0.42 -4.63
N LEU A 89 1.79 1.36 -4.86
CA LEU A 89 2.18 2.40 -3.91
C LEU A 89 2.06 3.70 -4.69
N GLN A 90 1.11 4.54 -4.30
CA GLN A 90 0.99 5.83 -5.04
C GLN A 90 1.59 6.91 -4.15
N HIS A 91 2.25 7.85 -4.75
CA HIS A 91 2.85 8.94 -3.98
C HIS A 91 2.18 10.31 -4.30
N ASP A 92 1.25 10.73 -3.49
CA ASP A 92 0.48 11.88 -3.75
C ASP A 92 1.05 13.05 -2.96
N ILE A 93 0.40 14.20 -3.03
CA ILE A 93 0.90 15.43 -2.47
C ILE A 93 1.15 15.43 -1.00
N TYR A 94 0.29 14.83 -0.23
CA TYR A 94 0.43 14.88 1.23
C TYR A 94 0.75 13.46 1.85
N ALA A 95 0.53 12.41 1.12
CA ALA A 95 0.73 11.05 1.65
C ALA A 95 0.97 10.09 0.55
N SER A 96 1.63 8.99 0.89
CA SER A 96 1.77 7.87 0.02
C SER A 96 0.83 6.78 0.57
N THR A 97 0.29 5.95 -0.32
CA THR A 97 -0.65 4.93 0.06
C THR A 97 -0.46 3.64 -0.72
N PHE A 98 -0.39 2.52 0.01
CA PHE A 98 -0.46 1.17 -0.63
C PHE A 98 -1.94 0.88 -0.97
N GLY A 99 -2.20 0.38 -2.15
CA GLY A 99 -3.41 -0.30 -2.46
C GLY A 99 -3.59 -1.58 -1.63
N PRO A 100 -4.77 -2.15 -1.69
CA PRO A 100 -5.15 -3.28 -0.88
C PRO A 100 -4.38 -4.59 -0.98
N GLY A 101 -3.88 -4.89 -2.14
CA GLY A 101 -3.16 -6.28 -2.12
C GLY A 101 -3.92 -7.23 -3.00
N THR A 102 -3.30 -7.72 -4.05
CA THR A 102 -3.92 -8.79 -4.87
C THR A 102 -3.08 -10.03 -4.75
N LYS A 103 -3.61 -11.06 -4.12
CA LYS A 103 -2.86 -12.30 -4.00
C LYS A 103 -3.13 -13.14 -5.24
N VAL A 104 -2.09 -13.49 -5.98
CA VAL A 104 -2.17 -14.31 -7.18
C VAL A 104 -1.80 -15.73 -6.73
N ASP A 105 -2.84 -16.55 -6.63
CA ASP A 105 -2.81 -17.91 -6.17
C ASP A 105 -2.59 -18.83 -7.43
N ILE A 106 -2.05 -19.99 -7.19
CA ILE A 106 -1.83 -21.04 -8.22
C ILE A 106 -3.08 -21.85 -8.40
N LYS A 107 -3.66 -21.78 -9.59
CA LYS A 107 -4.88 -22.47 -9.86
C LYS A 107 -4.58 -23.98 -10.28
N ARG A 108 -4.26 -24.79 -9.32
CA ARG A 108 -4.08 -26.24 -9.51
C ARG A 108 -5.44 -26.92 -9.56
N THR A 109 -5.39 -28.24 -9.80
CA THR A 109 -6.60 -29.06 -9.87
C THR A 109 -7.34 -29.07 -8.53
N VAL A 110 -8.66 -29.11 -8.60
CA VAL A 110 -9.47 -29.23 -7.33
C VAL A 110 -9.08 -30.52 -6.57
N ALA A 111 -8.88 -30.41 -5.25
CA ALA A 111 -8.48 -31.54 -4.42
C ALA A 111 -9.29 -31.40 -3.14
N ALA A 112 -10.04 -32.43 -2.77
CA ALA A 112 -10.79 -32.44 -1.53
C ALA A 112 -9.83 -32.63 -0.37
N PRO A 113 -10.13 -32.01 0.76
CA PRO A 113 -9.33 -32.27 1.98
C PRO A 113 -9.45 -33.68 2.46
N SER A 114 -8.41 -34.19 3.05
CA SER A 114 -8.50 -35.38 3.85
CA SER A 114 -8.51 -35.39 3.84
C SER A 114 -8.69 -34.86 5.26
N VAL A 115 -9.71 -35.32 5.95
CA VAL A 115 -10.06 -34.75 7.26
C VAL A 115 -9.67 -35.68 8.41
N PHE A 116 -9.10 -35.13 9.48
CA PHE A 116 -8.69 -35.87 10.67
C PHE A 116 -9.17 -35.14 11.90
N ILE A 117 -9.56 -35.88 12.96
CA ILE A 117 -10.00 -35.25 14.20
C ILE A 117 -9.17 -35.78 15.33
N PHE A 118 -8.75 -34.92 16.26
CA PHE A 118 -7.87 -35.25 17.35
C PHE A 118 -8.56 -34.82 18.65
N PRO A 119 -8.89 -35.78 19.55
CA PRO A 119 -9.37 -35.47 20.87
C PRO A 119 -8.33 -34.73 21.67
N PRO A 120 -8.76 -34.06 22.72
CA PRO A 120 -7.79 -33.53 23.67
C PRO A 120 -6.89 -34.61 24.24
N SER A 121 -5.62 -34.31 24.46
CA SER A 121 -4.70 -35.25 25.13
C SER A 121 -5.06 -35.34 26.62
N ASP A 122 -4.86 -36.50 27.22
CA ASP A 122 -4.87 -36.60 28.71
C ASP A 122 -3.99 -35.62 29.46
N GLU A 123 -2.85 -35.28 28.91
CA GLU A 123 -2.00 -34.26 29.46
C GLU A 123 -2.68 -32.92 29.44
N GLN A 124 -3.33 -32.55 28.34
CA GLN A 124 -4.01 -31.25 28.42
C GLN A 124 -5.20 -31.27 29.44
N LEU A 125 -5.96 -32.35 29.39
CA LEU A 125 -7.15 -32.50 30.28
C LEU A 125 -6.72 -32.39 31.74
N LYS A 126 -5.61 -33.05 32.04
CA LYS A 126 -5.04 -32.94 33.36
C LYS A 126 -4.72 -31.45 33.74
N SER A 127 -4.32 -30.61 32.81
CA SER A 127 -4.08 -29.19 33.05
C SER A 127 -5.37 -28.33 33.15
N GLY A 128 -6.56 -28.87 32.91
CA GLY A 128 -7.80 -28.16 33.13
C GLY A 128 -8.47 -27.48 31.93
N THR A 129 -8.16 -27.95 30.75
CA THR A 129 -8.61 -27.33 29.50
C THR A 129 -8.70 -28.42 28.46
N ALA A 130 -9.47 -28.17 27.41
CA ALA A 130 -9.70 -29.21 26.41
C ALA A 130 -9.73 -28.53 25.02
N SER A 131 -8.90 -29.05 24.14
CA SER A 131 -8.85 -28.52 22.76
C SER A 131 -9.04 -29.73 21.89
N VAL A 132 -9.99 -29.60 20.98
CA VAL A 132 -10.26 -30.59 20.02
C VAL A 132 -9.78 -30.02 18.67
N VAL A 133 -9.12 -30.81 17.85
CA VAL A 133 -8.51 -30.26 16.63
C VAL A 133 -8.98 -31.04 15.47
N CYS A 134 -9.39 -30.30 14.44
CA CYS A 134 -9.79 -30.88 13.16
C CYS A 134 -8.84 -30.37 12.08
N LEU A 135 -8.28 -31.28 11.31
CA LEU A 135 -7.27 -31.04 10.32
C LEU A 135 -7.86 -31.37 8.99
N LEU A 136 -7.78 -30.39 8.10
CA LEU A 136 -8.21 -30.47 6.71
C LEU A 136 -6.95 -30.42 5.91
N ASN A 137 -6.53 -31.58 5.35
CA ASN A 137 -5.22 -31.66 4.78
C ASN A 137 -5.23 -31.66 3.24
N ASN A 138 -4.31 -30.87 2.69
CA ASN A 138 -3.98 -30.87 1.20
C ASN A 138 -5.18 -30.69 0.26
N PHE A 139 -5.85 -29.55 0.38
CA PHE A 139 -7.06 -29.28 -0.43
C PHE A 139 -6.81 -28.07 -1.30
N TYR A 140 -7.69 -27.91 -2.28
CA TYR A 140 -7.68 -26.80 -3.23
C TYR A 140 -9.06 -26.73 -3.90
N PRO A 141 -9.73 -25.58 -3.99
CA PRO A 141 -9.27 -24.27 -3.63
C PRO A 141 -9.29 -23.97 -2.11
N ARG A 142 -8.87 -22.75 -1.77
CA ARG A 142 -8.69 -22.34 -0.36
C ARG A 142 -9.91 -22.34 0.46
N GLU A 143 -11.02 -22.04 -0.16
CA GLU A 143 -12.26 -21.89 0.62
C GLU A 143 -12.75 -23.25 1.01
N ALA A 144 -13.12 -23.35 2.27
CA ALA A 144 -13.58 -24.56 2.91
C ALA A 144 -14.29 -24.05 4.19
N LYS A 145 -15.24 -24.84 4.68
CA LYS A 145 -16.01 -24.45 5.81
C LYS A 145 -16.02 -25.63 6.77
N VAL A 146 -15.66 -25.37 8.00
CA VAL A 146 -15.67 -26.33 9.10
C VAL A 146 -16.77 -25.88 10.08
N GLN A 147 -17.59 -26.84 10.49
CA GLN A 147 -18.62 -26.59 11.49
C GLN A 147 -18.46 -27.59 12.55
N TRP A 148 -18.35 -27.13 13.79
CA TRP A 148 -18.27 -28.05 14.91
C TRP A 148 -19.64 -28.33 15.52
N LYS A 149 -19.77 -29.55 16.05
CA LYS A 149 -20.97 -30.05 16.69
C LYS A 149 -20.58 -30.76 17.92
N VAL A 150 -21.26 -30.46 19.02
CA VAL A 150 -21.02 -31.17 20.27
C VAL A 150 -22.40 -31.74 20.73
N ASP A 151 -22.50 -33.06 20.83
CA ASP A 151 -23.76 -33.79 20.94
C ASP A 151 -24.83 -33.21 20.00
N ASN A 152 -24.47 -33.08 18.78
CA ASN A 152 -25.35 -32.39 17.81
C ASN A 152 -25.83 -30.95 18.11
N ALA A 153 -25.25 -30.25 19.08
CA ALA A 153 -25.43 -28.76 19.14
C ALA A 153 -24.38 -28.11 18.26
N LEU A 154 -24.81 -27.36 17.25
CA LEU A 154 -23.86 -26.63 16.41
C LEU A 154 -23.14 -25.51 17.21
N GLN A 155 -21.84 -25.41 17.11
CA GLN A 155 -21.06 -24.43 17.90
C GLN A 155 -20.66 -23.19 17.07
N SER A 156 -20.65 -22.02 17.72
CA SER A 156 -20.05 -20.82 17.19
C SER A 156 -19.37 -19.99 18.34
N GLY A 157 -18.22 -19.45 18.08
CA GLY A 157 -17.60 -18.55 18.98
C GLY A 157 -16.57 -19.13 19.85
N ASN A 158 -16.41 -20.45 19.80
CA ASN A 158 -15.51 -21.15 20.62
C ASN A 158 -14.49 -21.99 19.75
N SER A 159 -14.31 -21.57 18.49
CA SER A 159 -13.29 -22.16 17.64
C SER A 159 -12.45 -21.11 16.96
N GLN A 160 -11.21 -21.44 16.65
CA GLN A 160 -10.33 -20.62 15.79
C GLN A 160 -9.67 -21.52 14.75
N GLU A 161 -9.37 -20.94 13.62
CA GLU A 161 -8.77 -21.71 12.58
C GLU A 161 -7.66 -20.95 11.90
N SER A 162 -6.74 -21.66 11.29
CA SER A 162 -5.75 -21.02 10.47
C SER A 162 -5.41 -21.94 9.30
N VAL A 163 -4.86 -21.32 8.27
CA VAL A 163 -4.62 -21.93 6.92
C VAL A 163 -3.17 -21.70 6.56
N THR A 164 -2.52 -22.72 6.03
CA THR A 164 -1.16 -22.58 5.58
C THR A 164 -1.15 -21.78 4.25
N GLU A 165 0.04 -21.34 3.87
CA GLU A 165 0.22 -20.81 2.52
C GLU A 165 0.22 -22.01 1.52
N GLN A 166 -0.05 -21.77 0.25
CA GLN A 166 0.00 -22.84 -0.73
C GLN A 166 1.34 -23.58 -0.68
N ASP A 167 1.27 -24.91 -0.55
CA ASP A 167 2.41 -25.78 -0.49
C ASP A 167 3.38 -25.56 -1.63
N SER A 168 4.69 -25.54 -1.34
CA SER A 168 5.69 -25.31 -2.38
C SER A 168 5.69 -26.44 -3.46
N LYS A 169 5.39 -27.69 -3.08
CA LYS A 169 5.42 -28.81 -4.01
C LYS A 169 4.13 -28.95 -4.80
N ASP A 170 3.01 -29.13 -4.09
CA ASP A 170 1.74 -29.41 -4.73
C ASP A 170 0.71 -28.27 -4.72
N SER A 171 1.09 -27.12 -4.16
CA SER A 171 0.19 -25.97 -4.18
C SER A 171 -1.20 -26.19 -3.56
N THR A 172 -1.31 -27.11 -2.60
CA THR A 172 -2.50 -27.28 -1.82
C THR A 172 -2.41 -26.40 -0.56
N TYR A 173 -3.56 -26.24 0.05
CA TYR A 173 -3.70 -25.61 1.36
C TYR A 173 -4.03 -26.70 2.35
N SER A 174 -3.69 -26.43 3.58
CA SER A 174 -4.20 -27.18 4.74
C SER A 174 -4.76 -26.20 5.80
N LEU A 175 -5.74 -26.70 6.60
CA LEU A 175 -6.44 -25.84 7.55
C LEU A 175 -6.52 -26.62 8.90
N SER A 176 -6.30 -25.91 9.99
CA SER A 176 -6.46 -26.46 11.31
C SER A 176 -7.57 -25.67 11.98
N SER A 177 -8.57 -26.35 12.56
CA SER A 177 -9.54 -25.75 13.39
C SER A 177 -9.47 -26.33 14.83
N THR A 178 -9.45 -25.48 15.87
CA THR A 178 -9.40 -25.93 17.21
C THR A 178 -10.63 -25.42 17.92
N LEU A 179 -11.35 -26.36 18.53
CA LEU A 179 -12.49 -26.09 19.36
C LEU A 179 -12.00 -26.10 20.78
N THR A 180 -12.19 -24.97 21.49
CA THR A 180 -11.77 -24.86 22.86
C THR A 180 -12.99 -24.97 23.82
N LEU A 181 -12.93 -25.94 24.73
CA LEU A 181 -14.03 -26.17 25.73
C LEU A 181 -13.40 -26.28 27.04
N SER A 182 -14.20 -25.98 28.09
CA SER A 182 -13.76 -26.30 29.41
C SER A 182 -13.62 -27.81 29.59
N LYS A 183 -12.72 -28.19 30.48
CA LYS A 183 -12.63 -29.57 30.95
C LYS A 183 -14.01 -30.09 31.39
N ALA A 184 -14.72 -29.31 32.19
CA ALA A 184 -16.07 -29.70 32.62
C ALA A 184 -17.02 -29.90 31.49
N ASP A 185 -17.02 -28.97 30.49
CA ASP A 185 -17.85 -29.17 29.29
C ASP A 185 -17.42 -30.37 28.51
N TYR A 186 -16.12 -30.56 28.31
CA TYR A 186 -15.72 -31.68 27.52
C TYR A 186 -16.25 -33.02 28.11
N GLU A 187 -16.15 -33.14 29.44
CA GLU A 187 -16.63 -34.32 30.20
C GLU A 187 -18.12 -34.46 30.26
N LYS A 188 -18.84 -33.36 30.27
CA LYS A 188 -20.30 -33.37 30.23
C LYS A 188 -20.92 -33.80 28.89
N HIS A 189 -20.13 -33.90 27.80
CA HIS A 189 -20.69 -34.21 26.50
C HIS A 189 -19.99 -35.41 25.97
N LYS A 190 -20.61 -36.06 25.00
CA LYS A 190 -20.09 -37.30 24.40
C LYS A 190 -19.57 -37.25 22.96
N VAL A 191 -20.31 -36.61 22.06
CA VAL A 191 -19.98 -36.70 20.66
C VAL A 191 -19.41 -35.36 20.13
N TYR A 192 -18.28 -35.47 19.47
CA TYR A 192 -17.51 -34.27 19.00
C TYR A 192 -17.32 -34.49 17.52
N ALA A 193 -17.86 -33.59 16.72
CA ALA A 193 -17.84 -33.76 15.27
C ALA A 193 -17.38 -32.52 14.60
N CYS A 194 -16.55 -32.69 13.60
CA CYS A 194 -16.31 -31.57 12.69
CA CYS A 194 -16.18 -31.65 12.68
C CYS A 194 -16.82 -31.93 11.33
N GLU A 195 -17.62 -31.03 10.80
CA GLU A 195 -18.26 -31.22 9.55
C GLU A 195 -17.63 -30.31 8.50
N VAL A 196 -17.16 -30.90 7.40
CA VAL A 196 -16.42 -30.14 6.45
C VAL A 196 -17.17 -30.02 5.11
N THR A 197 -17.24 -28.82 4.57
CA THR A 197 -17.74 -28.52 3.23
C THR A 197 -16.65 -27.93 2.35
N HIS A 198 -16.59 -28.37 1.11
CA HIS A 198 -15.54 -27.94 0.21
C HIS A 198 -15.92 -28.32 -1.23
N GLN A 199 -15.48 -27.49 -2.19
CA GLN A 199 -15.69 -27.71 -3.63
C GLN A 199 -15.42 -29.11 -4.11
N GLY A 200 -14.37 -29.77 -3.60
CA GLY A 200 -13.97 -31.11 -4.01
C GLY A 200 -14.74 -32.22 -3.42
N LEU A 201 -15.72 -31.91 -2.59
CA LEU A 201 -16.48 -32.91 -1.86
C LEU A 201 -17.94 -32.84 -2.37
N SER A 202 -18.43 -33.93 -2.94
CA SER A 202 -19.78 -33.94 -3.49
C SER A 202 -20.80 -33.72 -2.36
N SER A 203 -20.62 -34.41 -1.24
CA SER A 203 -21.38 -34.06 -0.03
C SER A 203 -20.39 -33.79 1.15
N PRO A 204 -20.83 -33.07 2.22
CA PRO A 204 -20.00 -32.78 3.40
C PRO A 204 -19.47 -34.03 4.05
N VAL A 205 -18.26 -33.95 4.59
CA VAL A 205 -17.66 -35.04 5.31
C VAL A 205 -17.70 -34.67 6.79
N THR A 206 -18.06 -35.61 7.65
CA THR A 206 -18.05 -35.43 9.09
C THR A 206 -17.06 -36.37 9.66
N LYS A 207 -16.10 -35.91 10.42
CA LYS A 207 -15.30 -36.81 11.26
C LYS A 207 -15.76 -36.57 12.70
N SER A 208 -15.85 -37.62 13.47
CA SER A 208 -16.22 -37.51 14.89
C SER A 208 -15.63 -38.58 15.74
N PHE A 209 -15.69 -38.33 16.99
CA PHE A 209 -15.36 -39.28 18.00
C PHE A 209 -16.29 -39.09 19.19
N ASN A 210 -16.36 -40.18 19.96
CA ASN A 210 -17.02 -40.25 21.23
C ASN A 210 -15.98 -40.19 22.24
N ARG A 211 -16.16 -39.35 23.24
CA ARG A 211 -15.18 -39.22 24.25
C ARG A 211 -15.12 -40.61 24.90
N GLY A 212 -13.89 -41.10 25.15
CA GLY A 212 -13.63 -42.43 25.68
C GLY A 212 -13.01 -43.37 24.63
N GLU A 213 -12.86 -42.85 23.43
CA GLU A 213 -12.33 -43.39 22.21
C GLU A 213 -13.49 -43.71 21.29
N CYS A 214 -13.25 -43.49 19.98
CA CYS A 214 -14.22 -43.70 18.82
C CYS A 214 -15.27 -42.73 18.91
N GLU B 1 27.35 -3.57 -1.47
CA GLU B 1 25.92 -3.97 -1.47
C GLU B 1 25.19 -3.13 -0.42
N VAL B 2 23.95 -2.72 -0.78
CA VAL B 2 23.11 -1.98 0.18
C VAL B 2 22.53 -2.94 1.21
N GLN B 3 22.59 -2.58 2.45
CA GLN B 3 21.97 -3.30 3.56
C GLN B 3 21.27 -2.29 4.53
N LEU B 4 20.10 -2.65 4.96
CA LEU B 4 19.35 -1.96 6.01
C LEU B 4 19.11 -2.95 7.15
N VAL B 5 19.67 -2.66 8.31
CA VAL B 5 19.64 -3.55 9.50
C VAL B 5 18.86 -2.88 10.56
N GLN B 6 17.78 -3.50 10.96
CA GLN B 6 16.88 -2.93 11.99
C GLN B 6 17.19 -3.55 13.32
N SER B 7 16.72 -2.94 14.39
CA SER B 7 16.75 -3.42 15.73
C SER B 7 15.79 -4.59 15.89
N GLY B 8 15.93 -5.33 17.01
CA GLY B 8 15.24 -6.54 17.23
C GLY B 8 13.82 -6.35 17.71
N ALA B 9 13.14 -7.46 17.83
CA ALA B 9 11.77 -7.53 18.27
C ALA B 9 11.48 -6.91 19.63
N GLU B 10 10.33 -6.32 19.77
CA GLU B 10 9.91 -5.58 20.94
C GLU B 10 8.56 -6.06 21.39
N VAL B 11 8.34 -6.00 22.71
CA VAL B 11 7.04 -6.26 23.30
C VAL B 11 6.73 -5.08 24.17
N LYS B 12 5.55 -4.54 24.06
CA LYS B 12 5.20 -3.30 24.75
C LYS B 12 3.80 -3.37 25.21
N LYS B 13 3.53 -2.68 26.32
CA LYS B 13 2.17 -2.57 26.82
C LYS B 13 1.32 -1.54 26.04
N PRO B 14 0.02 -1.74 25.97
CA PRO B 14 -0.81 -0.72 25.42
C PRO B 14 -0.63 0.56 26.16
N GLY B 15 -0.44 1.63 25.41
CA GLY B 15 -0.18 2.95 25.94
C GLY B 15 1.27 3.32 26.07
N ALA B 16 2.15 2.35 26.00
CA ALA B 16 3.54 2.67 25.95
C ALA B 16 4.00 3.19 24.58
N SER B 17 5.30 3.41 24.42
CA SER B 17 5.88 3.78 23.16
C SER B 17 6.99 2.78 22.76
N VAL B 18 7.34 2.78 21.50
CA VAL B 18 8.41 1.92 20.95
C VAL B 18 9.23 2.73 19.96
N LYS B 19 10.53 2.46 19.93
CA LYS B 19 11.40 3.15 19.00
C LYS B 19 12.29 2.20 18.25
N VAL B 20 12.12 2.12 16.95
CA VAL B 20 12.80 1.10 16.12
C VAL B 20 13.84 1.82 15.33
N SER B 21 14.98 1.16 15.15
CA SER B 21 16.07 1.74 14.46
C SER B 21 16.37 0.96 13.18
N CYS B 22 16.99 1.64 12.24
CA CYS B 22 17.28 1.17 10.95
C CYS B 22 18.58 1.72 10.53
N LYS B 23 19.62 0.86 10.44
CA LYS B 23 20.96 1.34 10.06
C LYS B 23 21.31 0.96 8.62
N ALA B 24 21.68 1.97 7.80
CA ALA B 24 21.97 1.80 6.39
C ALA B 24 23.45 1.70 6.06
N SER B 25 23.79 0.91 5.07
CA SER B 25 25.18 0.93 4.56
C SER B 25 25.19 0.63 3.09
N GLY B 26 26.25 1.05 2.41
CA GLY B 26 26.45 0.74 1.02
C GLY B 26 26.02 1.78 0.03
N TYR B 27 25.52 2.92 0.54
CA TYR B 27 25.13 4.05 -0.27
C TYR B 27 25.26 5.34 0.55
N THR B 28 25.07 6.46 -0.09
CA THR B 28 25.10 7.71 0.62
C THR B 28 23.80 7.95 1.35
N PHE B 29 23.85 7.84 2.69
CA PHE B 29 22.68 7.92 3.50
C PHE B 29 21.79 9.15 3.24
N THR B 30 22.41 10.33 3.15
CA THR B 30 21.68 11.62 3.01
C THR B 30 21.11 11.81 1.61
N GLY B 31 21.50 10.97 0.67
CA GLY B 31 20.99 11.03 -0.69
C GLY B 31 19.53 10.60 -0.96
N TYR B 32 18.94 9.88 -0.05
CA TYR B 32 17.67 9.13 -0.34
C TYR B 32 16.88 9.21 0.87
N TYR B 33 15.57 9.47 0.73
CA TYR B 33 14.73 9.46 1.91
C TYR B 33 14.68 8.03 2.47
N MET B 34 14.16 7.93 3.68
CA MET B 34 13.92 6.61 4.28
C MET B 34 12.40 6.58 4.59
N HIS B 35 11.73 5.54 4.16
CA HIS B 35 10.32 5.33 4.47
C HIS B 35 10.16 4.20 5.49
N TRP B 36 9.08 4.30 6.26
CA TRP B 36 8.65 3.30 7.24
C TRP B 36 7.33 2.75 6.74
N VAL B 37 7.23 1.43 6.74
CA VAL B 37 6.07 0.70 6.28
C VAL B 37 5.81 -0.42 7.29
N ARG B 38 4.59 -0.61 7.66
CA ARG B 38 4.23 -1.70 8.55
C ARG B 38 3.22 -2.73 7.98
N GLN B 39 3.17 -3.89 8.61
CA GLN B 39 2.26 -4.92 8.15
C GLN B 39 1.80 -5.76 9.32
N ALA B 40 0.55 -5.67 9.61
CA ALA B 40 -0.05 -6.45 10.68
C ALA B 40 -0.23 -7.89 10.20
N PRO B 41 -0.25 -8.82 11.14
CA PRO B 41 -0.14 -10.22 10.75
C PRO B 41 -1.30 -10.57 9.84
N GLY B 42 -0.99 -11.10 8.67
CA GLY B 42 -2.02 -11.40 7.68
C GLY B 42 -2.66 -10.28 6.89
N GLN B 43 -2.20 -9.05 7.07
CA GLN B 43 -2.83 -7.90 6.52
C GLN B 43 -1.90 -7.28 5.44
N GLY B 44 -2.39 -6.23 4.82
CA GLY B 44 -1.63 -5.54 3.75
C GLY B 44 -0.56 -4.63 4.29
N LEU B 45 0.20 -4.05 3.35
CA LEU B 45 1.24 -3.08 3.66
C LEU B 45 0.56 -1.73 3.96
N GLU B 46 1.10 -1.00 4.95
CA GLU B 46 0.58 0.30 5.36
C GLU B 46 1.76 1.28 5.46
N TRP B 47 1.75 2.31 4.58
CA TRP B 47 2.74 3.34 4.62
C TRP B 47 2.61 4.21 5.77
N MET B 48 3.75 4.50 6.47
CA MET B 48 3.69 5.33 7.69
C MET B 48 4.21 6.76 7.48
N GLY B 49 5.25 6.90 6.73
CA GLY B 49 5.86 8.23 6.53
C GLY B 49 7.22 8.13 5.99
N TRP B 50 7.80 9.27 5.70
CA TRP B 50 9.20 9.32 5.32
C TRP B 50 9.95 10.37 6.12
N ILE B 51 11.26 10.24 6.07
CA ILE B 51 12.20 11.21 6.64
C ILE B 51 13.27 11.48 5.59
N ASP B 52 13.64 12.74 5.48
CA ASP B 52 14.72 13.16 4.64
C ASP B 52 15.97 13.25 5.55
N PRO B 53 16.89 12.34 5.35
CA PRO B 53 18.05 12.34 6.25
C PRO B 53 19.02 13.54 5.98
N ASP B 54 18.92 14.14 4.81
CA ASP B 54 19.69 15.37 4.49
C ASP B 54 19.26 16.54 5.37
N GLU B 55 18.07 17.10 5.10
CA GLU B 55 17.53 18.29 5.78
C GLU B 55 16.75 17.91 7.03
N GLY B 56 16.32 16.62 7.21
CA GLY B 56 15.65 16.27 8.46
C GLY B 56 14.09 16.39 8.48
N ASP B 57 13.52 16.88 7.37
CA ASP B 57 12.08 17.02 7.23
C ASP B 57 11.41 15.66 7.24
N THR B 58 10.18 15.62 7.77
CA THR B 58 9.40 14.39 7.76
C THR B 58 8.06 14.57 7.14
N ASN B 59 7.48 13.46 6.73
CA ASN B 59 6.09 13.45 6.25
C ASN B 59 5.39 12.18 6.75
N TYR B 60 4.32 12.31 7.47
CA TYR B 60 3.63 11.20 8.09
C TYR B 60 2.24 10.98 7.57
N ALA B 61 1.87 9.72 7.40
CA ALA B 61 0.47 9.43 7.13
C ALA B 61 -0.45 10.07 8.16
N GLN B 62 -1.62 10.43 7.71
CA GLN B 62 -2.70 11.02 8.53
C GLN B 62 -3.02 10.23 9.78
N LYS B 63 -3.12 8.94 9.59
CA LYS B 63 -3.32 8.02 10.68
C LYS B 63 -2.32 8.13 11.83
N PHE B 64 -1.06 8.48 11.55
CA PHE B 64 -0.03 8.49 12.58
C PHE B 64 0.37 9.87 13.08
N GLN B 65 -0.14 10.90 12.42
CA GLN B 65 0.13 12.24 12.79
C GLN B 65 -0.24 12.53 14.21
N GLY B 66 0.73 13.01 14.98
CA GLY B 66 0.55 13.24 16.40
C GLY B 66 0.92 12.10 17.35
N ARG B 67 1.33 10.97 16.80
CA ARG B 67 1.66 9.83 17.55
C ARG B 67 3.00 9.15 17.08
N VAL B 68 3.54 9.57 15.96
CA VAL B 68 4.77 9.07 15.41
C VAL B 68 5.83 10.18 15.31
N THR B 69 7.07 9.81 15.49
CA THR B 69 8.19 10.69 15.26
C THR B 69 9.25 9.94 14.56
N MET B 70 9.65 10.40 13.42
CA MET B 70 10.77 9.82 12.73
C MET B 70 11.95 10.78 12.89
N THR B 71 13.14 10.22 13.08
CA THR B 71 14.34 10.98 13.27
C THR B 71 15.45 10.28 12.63
N ARG B 72 16.61 10.96 12.55
CA ARG B 72 17.75 10.25 12.05
C ARG B 72 19.03 10.73 12.77
N ASP B 73 20.10 9.97 12.59
CA ASP B 73 21.43 10.43 13.05
C ASP B 73 22.33 10.10 11.91
N THR B 74 22.68 11.14 11.14
CA THR B 74 23.34 10.98 9.92
C THR B 74 24.67 10.31 10.00
N SER B 75 25.46 10.64 11.03
CA SER B 75 26.74 10.09 11.10
C SER B 75 26.87 8.61 11.40
N ILE B 76 25.79 7.99 11.88
CA ILE B 76 25.78 6.54 12.02
C ILE B 76 24.76 5.93 11.04
N SER B 77 24.38 6.68 10.00
CA SER B 77 23.48 6.24 8.92
C SER B 77 22.22 5.51 9.46
N THR B 78 21.62 6.04 10.50
CA THR B 78 20.53 5.36 11.19
C THR B 78 19.27 6.24 11.20
N ALA B 79 18.14 5.63 10.85
CA ALA B 79 16.82 6.26 10.99
C ALA B 79 16.09 5.58 12.08
N TYR B 80 15.23 6.34 12.73
CA TYR B 80 14.45 5.88 13.83
C TYR B 80 12.93 6.22 13.65
N MET B 81 12.09 5.34 14.16
CA MET B 81 10.64 5.52 14.10
C MET B 81 10.17 5.24 15.47
N GLU B 82 9.59 6.23 16.12
CA GLU B 82 9.06 6.09 17.39
C GLU B 82 7.54 6.26 17.31
N LEU B 83 6.84 5.26 17.78
CA LEU B 83 5.38 5.26 17.84
C LEU B 83 4.92 5.20 19.25
N SER B 84 4.07 6.14 19.62
CA SER B 84 3.58 6.33 21.01
C SER B 84 2.14 5.90 21.15
N ARG B 85 1.67 5.87 22.38
CA ARG B 85 0.32 5.53 22.68
C ARG B 85 -0.10 4.23 21.97
N LEU B 86 0.71 3.21 22.10
CA LEU B 86 0.48 2.01 21.36
C LEU B 86 -0.82 1.34 21.67
N ARG B 87 -1.43 0.75 20.66
CA ARG B 87 -2.66 -0.01 20.83
C ARG B 87 -2.43 -1.40 20.21
N SER B 88 -3.36 -2.30 20.47
CA SER B 88 -3.24 -3.69 20.09
C SER B 88 -3.10 -3.81 18.56
N ASP B 89 -3.77 -2.96 17.77
CA ASP B 89 -3.57 -3.01 16.33
C ASP B 89 -2.37 -2.27 15.78
N ASP B 90 -1.49 -1.76 16.63
CA ASP B 90 -0.12 -1.52 16.28
C ASP B 90 0.77 -2.76 16.24
N THR B 91 0.29 -3.92 16.68
CA THR B 91 1.11 -5.15 16.54
C THR B 91 1.33 -5.44 15.06
N ALA B 92 2.61 -5.46 14.66
CA ALA B 92 2.95 -5.56 13.24
C ALA B 92 4.41 -5.72 13.06
N VAL B 93 4.82 -6.14 11.86
CA VAL B 93 6.13 -6.02 11.45
C VAL B 93 6.33 -4.60 10.88
N TYR B 94 7.32 -3.93 11.38
CA TYR B 94 7.78 -2.62 10.89
C TYR B 94 9.03 -2.70 10.05
N TYR B 95 9.01 -2.08 8.85
CA TYR B 95 10.15 -2.03 7.95
C TYR B 95 10.61 -0.66 7.72
N CYS B 96 11.95 -0.44 7.66
CA CYS B 96 12.40 0.76 6.97
C CYS B 96 12.70 0.37 5.56
N ALA B 97 12.65 1.32 4.63
CA ALA B 97 12.92 1.02 3.22
C ALA B 97 13.41 2.25 2.48
N ARG B 98 14.28 2.02 1.53
CA ARG B 98 14.71 3.08 0.63
C ARG B 98 13.93 2.81 -0.64
N LEU B 99 13.04 3.73 -0.98
CA LEU B 99 12.10 3.54 -2.06
C LEU B 99 12.22 4.57 -3.19
N ALA B 100 13.35 5.32 -3.21
CA ALA B 100 13.51 6.35 -4.24
C ALA B 100 13.31 5.79 -5.62
N SER B 101 12.53 6.51 -6.43
CA SER B 101 12.25 6.17 -7.83
C SER B 101 13.53 6.28 -8.65
N GLY B 102 13.66 5.44 -9.65
CA GLY B 102 14.83 5.45 -10.53
C GLY B 102 16.08 4.71 -10.07
N PHE B 103 15.93 3.92 -9.02
CA PHE B 103 17.01 3.15 -8.39
C PHE B 103 16.35 1.90 -7.83
N ARG B 104 17.14 0.86 -7.56
CA ARG B 104 16.60 -0.28 -6.80
C ARG B 104 16.10 0.17 -5.44
N ASP B 105 15.07 -0.54 -4.96
CA ASP B 105 14.57 -0.43 -3.61
C ASP B 105 15.35 -1.34 -2.68
N TYR B 106 15.40 -0.96 -1.40
CA TYR B 106 16.00 -1.81 -0.35
C TYR B 106 15.15 -1.77 0.86
N TRP B 107 15.11 -2.91 1.58
CA TRP B 107 14.27 -3.03 2.74
C TRP B 107 15.11 -3.57 3.86
N GLY B 108 14.80 -3.16 5.07
CA GLY B 108 15.24 -3.78 6.30
C GLY B 108 14.60 -5.18 6.42
N GLN B 109 15.07 -5.95 7.40
CA GLN B 109 14.63 -7.33 7.65
C GLN B 109 13.32 -7.32 8.38
N GLY B 110 12.91 -6.16 8.84
CA GLY B 110 11.69 -6.08 9.58
C GLY B 110 11.87 -6.24 11.09
N THR B 111 11.01 -5.60 11.85
CA THR B 111 11.01 -5.65 13.30
C THR B 111 9.60 -5.93 13.79
N LEU B 112 9.40 -7.05 14.48
CA LEU B 112 8.13 -7.38 15.08
C LEU B 112 7.95 -6.54 16.34
N VAL B 113 6.88 -5.79 16.42
CA VAL B 113 6.45 -5.12 17.62
C VAL B 113 5.14 -5.74 18.04
N THR B 114 5.11 -6.32 19.27
CA THR B 114 3.87 -6.86 19.76
C THR B 114 3.36 -5.97 20.86
N VAL B 115 2.11 -5.58 20.81
CA VAL B 115 1.53 -4.66 21.80
C VAL B 115 0.47 -5.44 22.55
N SER B 116 0.73 -5.64 23.83
CA SER B 116 -0.20 -6.50 24.64
C SER B 116 0.14 -6.36 26.15
N SER B 117 -0.87 -6.61 26.99
CA SER B 117 -0.69 -6.69 28.50
C SER B 117 -0.12 -8.05 28.95
N ALA B 118 -0.07 -9.04 28.05
CA ALA B 118 0.36 -10.37 28.38
C ALA B 118 1.85 -10.38 28.78
N SER B 119 2.22 -11.33 29.65
CA SER B 119 3.64 -11.51 30.05
C SER B 119 4.23 -12.67 29.22
N THR B 120 5.53 -12.60 29.02
CA THR B 120 6.28 -13.55 28.23
C THR B 120 6.17 -14.89 28.86
N LYS B 121 5.82 -15.88 28.07
CA LYS B 121 5.41 -17.19 28.63
C LYS B 121 5.64 -18.26 27.54
N GLY B 122 6.24 -19.36 27.92
CA GLY B 122 6.59 -20.47 27.04
C GLY B 122 5.39 -21.34 26.90
N PRO B 123 5.34 -22.09 25.82
CA PRO B 123 4.15 -22.88 25.48
C PRO B 123 4.04 -24.18 26.29
N SER B 124 2.81 -24.67 26.47
CA SER B 124 2.57 -26.09 26.80
C SER B 124 2.51 -26.81 25.46
N VAL B 125 3.19 -27.95 25.31
CA VAL B 125 3.14 -28.72 24.12
C VAL B 125 2.37 -30.00 24.29
N PHE B 126 1.28 -30.18 23.58
CA PHE B 126 0.43 -31.36 23.70
C PHE B 126 0.41 -32.20 22.45
N PRO B 127 0.41 -33.52 22.58
CA PRO B 127 0.40 -34.37 21.43
C PRO B 127 -0.94 -34.38 20.77
N LEU B 128 -0.95 -34.54 19.48
CA LEU B 128 -2.10 -34.84 18.61
C LEU B 128 -1.71 -36.25 18.06
N ALA B 129 -2.22 -37.26 18.75
CA ALA B 129 -1.83 -38.65 18.53
C ALA B 129 -2.51 -39.13 17.28
N PRO B 130 -1.85 -40.02 16.56
CA PRO B 130 -2.48 -40.58 15.36
C PRO B 130 -3.67 -41.49 15.66
N GLY B 138 -3.90 -46.17 4.53
CA GLY B 138 -2.46 -46.01 4.24
C GLY B 138 -1.70 -44.91 5.03
N THR B 139 -2.27 -43.72 5.16
CA THR B 139 -1.53 -42.57 5.81
C THR B 139 -2.20 -42.06 7.10
N ALA B 140 -1.36 -41.76 8.08
CA ALA B 140 -1.81 -41.27 9.38
C ALA B 140 -1.30 -39.82 9.57
N ALA B 141 -2.06 -39.05 10.32
CA ALA B 141 -1.75 -37.70 10.65
C ALA B 141 -1.52 -37.71 12.12
N LEU B 142 -0.49 -36.95 12.50
CA LEU B 142 -0.16 -36.71 13.88
C LEU B 142 0.38 -35.28 14.07
N GLY B 143 0.57 -34.85 15.31
CA GLY B 143 1.03 -33.47 15.50
C GLY B 143 1.25 -33.04 16.88
N CYS B 144 1.47 -31.73 17.04
CA CYS B 144 1.60 -31.12 18.34
CA CYS B 144 1.53 -31.15 18.36
C CYS B 144 0.83 -29.84 18.42
N LEU B 145 0.19 -29.59 19.54
CA LEU B 145 -0.53 -28.34 19.78
C LEU B 145 0.42 -27.58 20.71
N VAL B 146 0.75 -26.37 20.33
CA VAL B 146 1.70 -25.57 21.01
C VAL B 146 0.89 -24.46 21.56
N LYS B 147 0.53 -24.56 22.84
CA LYS B 147 -0.53 -23.74 23.32
C LYS B 147 -0.08 -22.75 24.33
N ASP B 148 -0.69 -21.57 24.33
CA ASP B 148 -0.57 -20.61 25.43
C ASP B 148 0.81 -20.05 25.63
N TYR B 149 1.34 -19.46 24.57
CA TYR B 149 2.63 -18.80 24.70
C TYR B 149 2.48 -17.35 24.32
N PHE B 150 3.53 -16.57 24.63
CA PHE B 150 3.58 -15.17 24.30
C PHE B 150 5.00 -14.68 24.42
N PRO B 151 5.49 -13.85 23.50
CA PRO B 151 4.82 -13.46 22.20
C PRO B 151 5.22 -14.43 21.07
N GLU B 152 4.80 -14.09 19.84
CA GLU B 152 5.36 -14.71 18.64
C GLU B 152 6.83 -14.33 18.55
N PRO B 153 7.67 -15.13 17.90
CA PRO B 153 7.30 -16.34 17.16
C PRO B 153 7.74 -17.59 17.92
N VAL B 154 7.35 -18.74 17.43
CA VAL B 154 7.79 -20.04 17.92
C VAL B 154 8.22 -20.82 16.68
N THR B 155 9.23 -21.69 16.82
CA THR B 155 9.62 -22.55 15.67
C THR B 155 9.30 -24.00 16.06
N VAL B 156 8.86 -24.79 15.09
CA VAL B 156 8.56 -26.18 15.28
C VAL B 156 9.37 -27.00 14.23
N SER B 157 10.09 -28.00 14.70
CA SER B 157 10.63 -28.99 13.77
C SER B 157 10.20 -30.34 14.23
N TRP B 158 10.42 -31.33 13.35
CA TRP B 158 10.12 -32.65 13.66
C TRP B 158 11.39 -33.51 13.59
N ASN B 159 11.60 -34.36 14.60
CA ASN B 159 12.74 -35.28 14.61
C ASN B 159 14.05 -34.52 14.37
N SER B 160 14.23 -33.42 15.11
CA SER B 160 15.40 -32.58 15.05
C SER B 160 15.71 -32.14 13.65
N GLY B 161 14.68 -32.00 12.82
CA GLY B 161 14.90 -31.54 11.44
C GLY B 161 14.97 -32.59 10.35
N ALA B 162 15.07 -33.86 10.72
CA ALA B 162 15.11 -34.91 9.70
C ALA B 162 13.79 -35.17 9.05
N LEU B 163 12.67 -34.73 9.64
CA LEU B 163 11.37 -34.99 9.05
C LEU B 163 10.83 -33.66 8.58
N THR B 164 10.79 -33.46 7.30
CA THR B 164 10.20 -32.26 6.71
C THR B 164 9.09 -32.56 5.74
N SER B 165 9.14 -33.71 5.07
CA SER B 165 8.09 -34.05 4.13
C SER B 165 6.71 -34.23 4.84
N GLY B 166 5.67 -33.62 4.30
CA GLY B 166 4.32 -33.73 4.83
C GLY B 166 4.04 -32.91 6.09
N VAL B 167 4.97 -32.02 6.44
CA VAL B 167 4.82 -31.23 7.64
C VAL B 167 4.05 -29.98 7.31
N HIS B 168 3.14 -29.59 8.17
CA HIS B 168 2.39 -28.33 8.00
C HIS B 168 2.38 -27.65 9.35
N THR B 169 3.06 -26.50 9.46
CA THR B 169 3.03 -25.75 10.72
C THR B 169 2.16 -24.59 10.45
N PHE B 170 1.05 -24.54 11.20
CA PHE B 170 0.03 -23.52 10.96
C PHE B 170 0.37 -22.16 11.54
N PRO B 171 -0.22 -21.11 10.92
CA PRO B 171 -0.13 -19.76 11.52
C PRO B 171 -0.71 -19.78 12.92
N ALA B 172 -0.08 -19.05 13.83
CA ALA B 172 -0.62 -18.93 15.21
C ALA B 172 -1.87 -18.17 15.19
N VAL B 173 -2.74 -18.50 16.16
CA VAL B 173 -3.93 -17.68 16.43
C VAL B 173 -3.73 -17.03 17.76
N LEU B 174 -4.33 -15.88 17.94
CA LEU B 174 -4.33 -15.14 19.18
C LEU B 174 -5.63 -15.45 19.88
N GLN B 175 -5.54 -16.09 21.04
CA GLN B 175 -6.72 -16.51 21.81
C GLN B 175 -7.26 -15.30 22.66
N SER B 176 -8.49 -15.45 23.22
CA SER B 176 -9.15 -14.31 23.92
C SER B 176 -8.33 -13.94 25.11
N SER B 177 -7.62 -14.90 25.68
CA SER B 177 -6.69 -14.64 26.81
C SER B 177 -5.55 -13.74 26.49
N GLY B 178 -5.24 -13.54 25.22
CA GLY B 178 -4.07 -12.76 24.92
C GLY B 178 -2.78 -13.64 24.64
N LEU B 179 -2.90 -14.95 24.78
CA LEU B 179 -1.81 -15.90 24.48
C LEU B 179 -2.04 -16.58 23.08
N TYR B 180 -0.95 -16.96 22.45
CA TYR B 180 -0.98 -17.57 21.15
C TYR B 180 -1.09 -19.07 21.24
N SER B 181 -1.63 -19.66 20.19
CA SER B 181 -1.65 -21.11 20.07
C SER B 181 -1.39 -21.43 18.63
N LEU B 182 -0.70 -22.51 18.40
CA LEU B 182 -0.49 -23.05 17.06
C LEU B 182 -0.37 -24.52 17.03
N SER B 183 -0.70 -25.10 15.87
CA SER B 183 -0.54 -26.52 15.65
C SER B 183 0.47 -26.82 14.58
N SER B 184 1.21 -27.90 14.72
CA SER B 184 2.05 -28.44 13.67
C SER B 184 1.66 -29.89 13.47
N VAL B 185 1.44 -30.27 12.24
CA VAL B 185 1.03 -31.67 11.90
C VAL B 185 1.93 -32.24 10.82
N VAL B 186 1.86 -33.55 10.69
CA VAL B 186 2.62 -34.24 9.66
C VAL B 186 1.84 -35.49 9.34
N THR B 187 1.78 -35.83 8.07
CA THR B 187 1.19 -37.09 7.66
C THR B 187 2.34 -38.06 7.31
N VAL B 188 2.19 -39.27 7.78
CA VAL B 188 3.22 -40.29 7.60
C VAL B 188 2.53 -41.60 7.12
N PRO B 189 3.34 -42.59 6.71
CA PRO B 189 2.72 -43.91 6.42
C PRO B 189 2.29 -44.54 7.72
N SER B 190 1.04 -44.99 7.73
CA SER B 190 0.49 -45.71 8.91
C SER B 190 1.38 -46.85 9.39
N SER B 191 1.94 -47.62 8.48
CA SER B 191 2.92 -48.65 8.80
C SER B 191 4.10 -48.22 9.69
N SER B 192 4.57 -46.98 9.53
CA SER B 192 5.76 -46.49 10.20
C SER B 192 5.47 -46.18 11.67
N LEU B 193 4.20 -46.19 12.05
CA LEU B 193 3.85 -45.82 13.42
C LEU B 193 4.44 -46.77 14.44
N GLY B 194 4.66 -48.00 14.05
CA GLY B 194 5.31 -48.93 14.92
C GLY B 194 6.80 -48.83 15.02
N THR B 195 7.46 -48.27 14.01
CA THR B 195 8.92 -48.33 13.94
C THR B 195 9.65 -47.01 14.00
N GLN B 196 8.95 -45.91 13.73
CA GLN B 196 9.60 -44.58 13.77
C GLN B 196 9.05 -43.80 15.00
N THR B 197 9.94 -43.30 15.83
CA THR B 197 9.59 -42.33 16.82
C THR B 197 9.36 -40.93 16.15
N TYR B 198 8.25 -40.28 16.56
CA TYR B 198 7.93 -38.90 16.06
C TYR B 198 7.98 -37.92 17.22
N ILE B 199 8.93 -37.00 17.14
CA ILE B 199 9.16 -36.01 18.15
C ILE B 199 9.06 -34.63 17.54
N CYS B 200 8.18 -33.80 18.10
CA CYS B 200 8.20 -32.39 17.68
C CYS B 200 9.12 -31.55 18.60
N ASN B 201 9.91 -30.68 18.00
CA ASN B 201 10.90 -29.88 18.72
C ASN B 201 10.40 -28.43 18.63
N VAL B 202 10.03 -27.87 19.74
CA VAL B 202 9.41 -26.54 19.80
C VAL B 202 10.47 -25.62 20.50
N ASN B 203 10.79 -24.53 19.86
CA ASN B 203 11.66 -23.55 20.43
C ASN B 203 10.95 -22.21 20.50
N HIS B 204 10.76 -21.70 21.70
CA HIS B 204 10.20 -20.35 21.90
C HIS B 204 11.27 -19.44 22.46
N LYS B 205 11.95 -18.76 21.56
CA LYS B 205 13.18 -17.99 22.00
C LYS B 205 12.92 -16.89 23.02
N PRO B 206 11.84 -16.11 22.87
CA PRO B 206 11.57 -15.07 23.87
C PRO B 206 11.52 -15.54 25.33
N SER B 207 11.09 -16.75 25.57
CA SER B 207 11.10 -17.30 26.92
C SER B 207 12.20 -18.33 27.17
N ASN B 208 13.06 -18.56 26.19
CA ASN B 208 14.09 -19.56 26.26
C ASN B 208 13.54 -20.90 26.60
N THR B 209 12.49 -21.30 25.88
CA THR B 209 11.81 -22.57 26.15
C THR B 209 12.04 -23.46 24.94
N LYS B 210 12.54 -24.66 25.21
CA LYS B 210 12.73 -25.69 24.21
C LYS B 210 12.01 -26.91 24.78
N VAL B 211 11.06 -27.43 24.04
CA VAL B 211 10.35 -28.66 24.44
C VAL B 211 10.53 -29.65 23.28
N ASP B 212 10.86 -30.90 23.59
CA ASP B 212 10.75 -31.99 22.64
C ASP B 212 9.63 -32.86 23.18
N LYS B 213 8.60 -33.08 22.37
CA LYS B 213 7.45 -33.86 22.84
C LYS B 213 7.35 -35.01 21.87
N LYS B 214 7.37 -36.23 22.45
CA LYS B 214 7.21 -37.46 21.70
C LYS B 214 5.72 -37.65 21.54
N VAL B 215 5.30 -37.96 20.32
CA VAL B 215 3.92 -38.10 19.96
C VAL B 215 3.72 -39.58 19.61
N GLU B 216 3.02 -40.29 20.49
CA GLU B 216 2.88 -41.78 20.39
C GLU B 216 1.51 -42.20 19.98
N PRO B 217 1.40 -43.35 19.33
CA PRO B 217 0.06 -43.86 19.00
C PRO B 217 -0.87 -44.09 20.19
N LYS B 218 -2.16 -43.81 19.97
CA LYS B 218 -3.31 -44.06 20.86
C LYS B 218 -3.18 -45.18 21.91
N ILE C 1 7.35 23.29 -8.20
CA ILE C 1 8.22 23.71 -9.35
C ILE C 1 9.67 23.27 -9.09
N VAL C 2 10.24 22.58 -10.05
CA VAL C 2 11.63 22.10 -9.99
C VAL C 2 12.49 23.17 -10.62
N GLY C 3 13.64 23.45 -10.00
CA GLY C 3 14.63 24.38 -10.52
C GLY C 3 14.11 25.79 -10.60
N GLY C 4 13.17 26.16 -9.75
CA GLY C 4 12.61 27.47 -9.76
C GLY C 4 13.23 28.48 -8.80
N THR C 5 12.69 29.65 -8.82
CA THR C 5 13.12 30.72 -7.93
C THR C 5 11.87 31.26 -7.21
N ALA C 6 12.07 31.92 -6.11
CA ALA C 6 10.95 32.58 -5.41
C ALA C 6 10.36 33.69 -6.27
N SER C 7 9.04 33.80 -6.34
CA SER C 7 8.37 34.90 -6.93
C SER C 7 8.36 36.07 -5.97
N VAL C 8 8.06 37.26 -6.49
CA VAL C 8 7.87 38.42 -5.60
C VAL C 8 6.42 38.79 -5.60
N ARG C 9 6.09 39.55 -4.60
CA ARG C 9 4.72 39.96 -4.43
C ARG C 9 4.22 40.72 -5.62
N GLY C 10 3.04 40.36 -6.09
CA GLY C 10 2.40 40.99 -7.20
C GLY C 10 2.94 40.57 -8.54
N GLU C 11 3.92 39.66 -8.55
CA GLU C 11 4.51 39.29 -9.84
C GLU C 11 3.57 38.52 -10.74
N TRP C 12 2.77 37.61 -10.15
CA TRP C 12 1.81 36.73 -10.94
C TRP C 12 0.36 36.93 -10.47
N PRO C 13 -0.21 38.10 -10.73
CA PRO C 13 -1.47 38.45 -10.11
C PRO C 13 -2.68 37.65 -10.49
N TRP C 14 -2.58 36.84 -11.55
CA TRP C 14 -3.61 35.93 -11.91
C TRP C 14 -3.54 34.54 -11.16
N GLN C 15 -2.40 34.23 -10.59
CA GLN C 15 -2.18 32.93 -9.87
C GLN C 15 -3.01 32.89 -8.64
N VAL C 16 -3.76 31.80 -8.50
CA VAL C 16 -4.49 31.52 -7.22
C VAL C 16 -4.06 30.14 -6.62
N THR C 17 -4.33 29.95 -5.35
CA THR C 17 -4.13 28.67 -4.69
C THR C 17 -5.55 28.21 -4.31
N LEU C 18 -5.89 27.04 -4.78
CA LEU C 18 -7.19 26.41 -4.45
C LEU C 18 -6.94 25.47 -3.25
N HIS C 19 -7.63 25.69 -2.19
CA HIS C 19 -7.55 24.91 -0.94
C HIS C 19 -8.78 24.03 -0.81
N THR C 20 -8.54 22.82 -0.29
CA THR C 20 -9.66 22.03 0.24
C THR C 20 -9.70 22.22 1.72
N THR C 21 -10.89 22.09 2.32
CA THR C 21 -11.06 22.21 3.76
C THR C 21 -11.23 20.86 4.46
N SER C 22 -11.28 19.79 3.70
CA SER C 22 -11.59 18.47 4.21
C SER C 22 -10.49 17.47 3.87
N PRO C 23 -9.95 16.74 4.87
CA PRO C 23 -10.33 16.81 6.31
C PRO C 23 -9.71 17.99 7.04
N THR C 24 -8.64 18.55 6.49
CA THR C 24 -8.01 19.68 7.06
C THR C 24 -7.76 20.70 5.86
N GLN C 25 -7.63 21.98 6.16
CA GLN C 25 -7.46 22.97 5.10
C GLN C 25 -6.04 22.95 4.53
N ARG C 26 -5.94 22.72 3.26
CA ARG C 26 -4.65 22.79 2.67
C ARG C 26 -4.73 23.00 1.18
N HIS C 27 -3.62 23.46 0.61
CA HIS C 27 -3.43 23.60 -0.85
C HIS C 27 -3.68 22.31 -1.63
N LEU C 28 -4.54 22.38 -2.63
CA LEU C 28 -4.87 21.31 -3.48
C LEU C 28 -4.21 21.50 -4.86
N CYS C 29 -4.34 22.69 -5.42
CA CYS C 29 -4.00 22.92 -6.86
CA CYS C 29 -3.81 22.96 -6.77
C CYS C 29 -3.83 24.44 -7.09
N GLY C 30 -3.17 24.77 -8.20
CA GLY C 30 -3.15 26.11 -8.72
C GLY C 30 -4.38 26.38 -9.58
N GLY C 31 -4.49 27.66 -9.98
CA GLY C 31 -5.53 28.11 -10.90
C GLY C 31 -5.14 29.49 -11.41
N SER C 32 -5.90 29.98 -12.38
CA SER C 32 -5.69 31.29 -12.98
C SER C 32 -6.96 32.10 -12.98
N ILE C 33 -6.88 33.33 -12.49
CA ILE C 33 -8.02 34.23 -12.66
C ILE C 33 -8.15 34.58 -14.17
N ILE C 34 -9.30 34.37 -14.74
CA ILE C 34 -9.54 34.72 -16.16
C ILE C 34 -10.76 35.69 -16.34
N GLY C 35 -11.51 35.96 -15.29
CA GLY C 35 -12.53 36.98 -15.22
C GLY C 35 -12.99 37.12 -13.80
N ASN C 36 -13.90 38.04 -13.52
CA ASN C 36 -14.13 38.40 -12.14
C ASN C 36 -14.91 37.36 -11.27
N GLN C 37 -15.48 36.32 -11.89
CA GLN C 37 -15.97 35.21 -11.11
C GLN C 37 -15.46 33.86 -11.62
N TRP C 38 -14.40 33.86 -12.37
CA TRP C 38 -13.98 32.68 -13.10
C TRP C 38 -12.52 32.35 -12.90
N ILE C 39 -12.27 31.11 -12.43
CA ILE C 39 -10.91 30.55 -12.30
C ILE C 39 -10.82 29.42 -13.29
N LEU C 40 -9.75 29.33 -14.02
CA LEU C 40 -9.50 28.26 -14.89
C LEU C 40 -8.43 27.36 -14.23
N THR C 41 -8.63 26.05 -14.32
CA THR C 41 -7.80 25.07 -13.59
C THR C 41 -7.84 23.72 -14.27
N ALA C 42 -7.27 22.67 -13.65
CA ALA C 42 -7.21 21.32 -14.22
C ALA C 42 -8.39 20.53 -13.63
N ALA C 43 -9.05 19.78 -14.50
CA ALA C 43 -10.17 18.91 -14.13
C ALA C 43 -9.71 17.80 -13.11
N HIS C 44 -8.47 17.34 -13.28
CA HIS C 44 -7.99 16.17 -12.52
C HIS C 44 -7.80 16.57 -11.06
N CYS C 45 -7.73 17.87 -10.72
CA CYS C 45 -7.72 18.31 -9.34
C CYS C 45 -8.89 17.88 -8.57
N PHE C 46 -10.04 17.59 -9.24
CA PHE C 46 -11.24 17.18 -8.54
C PHE C 46 -11.56 15.67 -8.59
N TYR C 47 -10.54 14.86 -8.48
CA TYR C 47 -10.70 13.40 -8.31
CA TYR C 47 -10.68 13.43 -8.27
C TYR C 47 -11.74 13.04 -7.25
N GLY C 48 -11.35 13.28 -5.99
CA GLY C 48 -12.15 12.86 -4.83
C GLY C 48 -12.82 14.07 -4.21
N VAL C 49 -13.02 15.09 -5.02
CA VAL C 49 -13.67 16.28 -4.61
C VAL C 49 -14.75 16.46 -5.63
N GLU C 50 -15.95 16.58 -5.16
CA GLU C 50 -17.03 16.83 -6.07
C GLU C 50 -17.67 18.07 -5.53
N SER C 51 -17.77 18.20 -4.19
CA SER C 51 -18.55 19.27 -3.65
C SER C 51 -17.76 20.58 -3.70
N PRO C 52 -18.31 21.61 -4.37
CA PRO C 52 -17.80 22.95 -4.32
C PRO C 52 -17.64 23.44 -2.92
N LYS C 53 -18.49 22.93 -2.03
CA LYS C 53 -18.52 23.44 -0.67
C LYS C 53 -17.24 23.17 0.09
N ILE C 54 -16.42 22.27 -0.37
CA ILE C 54 -15.14 22.08 0.34
C ILE C 54 -14.01 23.00 -0.13
N LEU C 55 -14.28 23.78 -1.17
CA LEU C 55 -13.20 24.69 -1.80
C LEU C 55 -13.10 26.09 -1.30
N ARG C 56 -11.88 26.62 -1.20
CA ARG C 56 -11.63 28.01 -0.91
C ARG C 56 -10.56 28.44 -1.88
N VAL C 57 -10.80 29.53 -2.60
CA VAL C 57 -9.87 30.09 -3.59
C VAL C 57 -9.25 31.37 -2.93
N TYR C 58 -7.94 31.40 -2.89
CA TYR C 58 -7.18 32.51 -2.35
C TYR C 58 -6.42 33.16 -3.50
N SER C 59 -6.57 34.48 -3.65
CA SER C 59 -5.84 35.28 -4.61
C SER C 59 -4.91 36.22 -3.90
N GLY C 60 -3.99 36.85 -4.64
CA GLY C 60 -2.94 37.70 -4.05
C GLY C 60 -2.01 37.09 -3.05
N ILE C 61 -1.81 35.76 -3.12
CA ILE C 61 -1.00 35.05 -2.15
C ILE C 61 0.36 34.87 -2.71
N LEU C 62 1.36 35.22 -1.96
CA LEU C 62 2.74 34.81 -2.27
C LEU C 62 3.13 33.59 -1.42
N GLN C 63 2.99 33.66 -0.11
CA GLN C 63 3.33 32.62 0.84
C GLN C 63 2.02 32.00 1.37
N GLN C 64 1.91 30.67 1.29
CA GLN C 64 0.82 29.88 1.93
C GLN C 64 0.63 30.26 3.40
N SER C 65 1.73 30.54 4.11
CA SER C 65 1.70 31.02 5.52
C SER C 65 0.97 32.34 5.72
N GLU C 66 0.74 33.12 4.68
CA GLU C 66 -0.10 34.29 4.76
C GLU C 66 -1.54 33.93 5.04
N ILE C 67 -1.98 32.69 4.78
CA ILE C 67 -3.40 32.39 4.84
C ILE C 67 -3.66 32.00 6.31
N LYS C 68 -4.45 32.80 6.98
CA LYS C 68 -4.80 32.60 8.36
C LYS C 68 -6.29 32.36 8.48
N GLU C 69 -6.72 32.11 9.70
CA GLU C 69 -8.11 31.74 9.97
C GLU C 69 -9.08 32.73 9.38
N ASP C 70 -8.74 34.02 9.53
CA ASP C 70 -9.57 35.11 9.16
C ASP C 70 -9.27 35.74 7.80
N THR C 71 -8.30 35.17 7.06
CA THR C 71 -8.01 35.64 5.68
C THR C 71 -9.24 35.46 4.77
N SER C 72 -9.48 36.43 3.95
CA SER C 72 -10.51 36.43 2.94
C SER C 72 -10.28 35.38 1.90
N PHE C 73 -11.37 34.76 1.42
CA PHE C 73 -11.28 33.83 0.33
C PHE C 73 -12.56 33.88 -0.51
N PHE C 74 -12.51 33.23 -1.66
CA PHE C 74 -13.63 33.05 -2.49
C PHE C 74 -14.20 31.67 -2.34
N GLY C 75 -15.50 31.59 -2.03
CA GLY C 75 -16.22 30.36 -2.18
C GLY C 75 -16.44 29.99 -3.62
N VAL C 76 -16.69 28.75 -3.86
CA VAL C 76 -16.88 28.25 -5.18
C VAL C 76 -18.35 27.82 -5.30
N GLN C 77 -19.03 28.33 -6.30
CA GLN C 77 -20.48 28.05 -6.49
C GLN C 77 -20.63 26.83 -7.37
N GLU C 78 -19.73 26.65 -8.33
CA GLU C 78 -19.87 25.59 -9.26
C GLU C 78 -18.53 25.19 -9.79
N ILE C 79 -18.33 23.86 -9.96
CA ILE C 79 -17.17 23.30 -10.62
C ILE C 79 -17.61 22.85 -11.96
N ILE C 80 -17.05 23.39 -13.01
CA ILE C 80 -17.37 23.02 -14.34
C ILE C 80 -16.27 22.28 -15.00
N ILE C 81 -16.50 20.95 -15.14
CA ILE C 81 -15.51 20.10 -15.74
C ILE C 81 -15.86 19.84 -17.16
N HIS C 82 -14.88 19.89 -18.04
CA HIS C 82 -15.15 19.65 -19.44
C HIS C 82 -15.85 18.27 -19.60
N ASP C 83 -16.83 18.22 -20.52
CA ASP C 83 -17.70 17.03 -20.72
C ASP C 83 -16.91 15.83 -21.22
N GLN C 84 -15.88 16.07 -21.99
CA GLN C 84 -14.99 15.01 -22.45
C GLN C 84 -13.84 14.55 -21.53
N TYR C 85 -13.68 15.21 -20.39
CA TYR C 85 -12.70 14.72 -19.36
C TYR C 85 -13.23 13.38 -18.82
N LYS C 86 -12.37 12.38 -18.86
CA LYS C 86 -12.66 11.07 -18.16
C LYS C 86 -11.60 10.73 -17.08
N MET C 87 -12.02 10.20 -15.93
CA MET C 87 -11.03 9.80 -14.86
C MET C 87 -10.03 8.75 -15.33
N ALA C 88 -10.40 7.99 -16.37
CA ALA C 88 -9.44 6.96 -16.92
C ALA C 88 -8.45 7.47 -17.96
N GLU C 89 -8.52 8.78 -18.29
CA GLU C 89 -7.71 9.40 -19.38
C GLU C 89 -7.11 10.68 -18.85
N SER C 90 -6.02 11.09 -19.47
CA SER C 90 -5.23 12.28 -19.05
C SER C 90 -5.65 13.59 -19.74
N GLY C 91 -6.42 13.47 -20.85
CA GLY C 91 -6.77 14.59 -21.73
C GLY C 91 -7.98 15.39 -21.30
N TYR C 92 -8.29 16.42 -22.05
CA TYR C 92 -9.39 17.37 -21.69
C TYR C 92 -9.25 17.84 -20.24
N ASP C 93 -8.00 18.10 -19.82
CA ASP C 93 -7.79 18.31 -18.41
C ASP C 93 -7.96 19.81 -18.13
N ILE C 94 -9.25 20.21 -18.01
CA ILE C 94 -9.63 21.61 -17.84
C ILE C 94 -10.94 21.72 -17.17
N ALA C 95 -11.01 22.67 -16.27
CA ALA C 95 -12.14 22.97 -15.52
C ALA C 95 -12.30 24.49 -15.24
N LEU C 96 -13.56 24.97 -15.04
CA LEU C 96 -13.83 26.27 -14.52
C LEU C 96 -14.38 26.24 -13.20
N LEU C 97 -13.90 27.13 -12.33
CA LEU C 97 -14.60 27.41 -11.12
C LEU C 97 -15.35 28.73 -11.25
N LYS C 98 -16.65 28.69 -11.03
CA LYS C 98 -17.46 29.87 -10.78
C LYS C 98 -17.49 30.20 -9.34
N LEU C 99 -17.03 31.42 -9.00
CA LEU C 99 -16.92 31.90 -7.67
C LEU C 99 -18.26 32.39 -7.24
N GLU C 100 -18.51 32.30 -5.96
CA GLU C 100 -19.70 32.84 -5.28
C GLU C 100 -19.71 34.38 -5.17
N THR C 101 -18.53 35.00 -5.08
CA THR C 101 -18.43 36.44 -5.12
C THR C 101 -17.43 36.89 -6.19
N THR C 102 -17.26 38.19 -6.33
CA THR C 102 -16.51 38.73 -7.43
C THR C 102 -15.14 39.10 -7.02
N VAL C 103 -14.18 38.72 -7.80
CA VAL C 103 -12.82 39.11 -7.52
C VAL C 103 -12.76 40.63 -7.73
N GLN C 104 -12.19 41.35 -6.83
CA GLN C 104 -11.96 42.79 -6.94
C GLN C 104 -10.52 42.99 -7.50
N TYR C 105 -10.39 43.72 -8.62
CA TYR C 105 -9.10 43.84 -9.29
C TYR C 105 -8.20 44.86 -8.62
N THR C 106 -6.94 44.48 -8.45
CA THR C 106 -5.88 45.33 -7.89
C THR C 106 -4.59 44.94 -8.68
N ASP C 107 -3.51 45.54 -8.32
CA ASP C 107 -2.23 45.28 -9.00
C ASP C 107 -1.78 43.85 -8.69
N SER C 108 -2.17 43.34 -7.54
CA SER C 108 -1.81 42.01 -7.12
C SER C 108 -2.88 40.93 -7.42
N GLN C 109 -4.06 41.30 -7.92
CA GLN C 109 -5.03 40.32 -8.35
C GLN C 109 -5.84 40.85 -9.53
N ARG C 110 -5.62 40.26 -10.67
CA ARG C 110 -6.35 40.61 -11.85
C ARG C 110 -6.25 39.43 -12.83
N PRO C 111 -7.11 39.43 -13.86
CA PRO C 111 -7.09 38.35 -14.85
C PRO C 111 -5.93 38.38 -15.76
N ILE C 112 -5.62 37.21 -16.31
CA ILE C 112 -4.63 37.05 -17.36
C ILE C 112 -5.46 36.92 -18.63
N SER C 113 -4.93 37.53 -19.72
CA SER C 113 -5.58 37.45 -21.00
C SER C 113 -5.44 36.08 -21.62
N LEU C 114 -6.50 35.61 -22.22
CA LEU C 114 -6.50 34.33 -22.96
C LEU C 114 -5.88 34.52 -24.31
N PRO C 115 -5.32 33.48 -24.90
CA PRO C 115 -4.86 33.59 -26.30
C PRO C 115 -6.08 33.69 -27.18
N SER C 116 -5.91 34.33 -28.33
CA SER C 116 -7.11 34.57 -29.18
C SER C 116 -7.23 33.36 -30.07
N LYS C 117 -8.47 33.01 -30.41
CA LYS C 117 -8.75 31.87 -31.26
C LYS C 117 -7.89 31.88 -32.57
N GLY C 118 -7.29 30.74 -32.86
CA GLY C 118 -6.35 30.68 -33.92
C GLY C 118 -4.95 31.13 -33.64
N ASP C 119 -4.67 31.82 -32.52
CA ASP C 119 -3.24 32.13 -32.12
C ASP C 119 -2.36 30.87 -32.22
N ARG C 120 -1.07 31.10 -32.35
CA ARG C 120 -0.07 29.99 -32.61
C ARG C 120 1.09 30.03 -31.55
N ASN C 121 1.17 28.95 -30.80
CA ASN C 121 2.08 28.86 -29.68
C ASN C 121 3.60 28.95 -30.04
N VAL C 122 3.94 28.69 -31.29
CA VAL C 122 5.35 28.69 -31.72
C VAL C 122 5.89 30.10 -31.56
N ILE C 123 4.98 31.06 -31.66
CA ILE C 123 5.31 32.42 -31.37
C ILE C 123 6.07 32.61 -30.00
N TYR C 124 5.77 31.81 -28.96
CA TYR C 124 6.19 32.17 -27.58
C TYR C 124 7.56 31.62 -27.22
N THR C 125 8.50 32.50 -26.87
CA THR C 125 9.79 32.16 -26.39
C THR C 125 10.04 32.61 -24.92
N ASP C 126 9.01 33.15 -24.26
CA ASP C 126 9.19 33.62 -22.87
C ASP C 126 8.09 33.07 -21.96
N CYS C 127 8.19 31.76 -21.60
CA CYS C 127 7.13 31.05 -20.95
C CYS C 127 7.58 30.65 -19.57
N TRP C 128 6.67 30.85 -18.60
CA TRP C 128 6.95 30.60 -17.22
C TRP C 128 5.87 29.71 -16.60
N VAL C 129 6.33 28.78 -15.73
CA VAL C 129 5.40 27.95 -14.97
C VAL C 129 5.56 28.34 -13.51
N THR C 130 4.45 28.41 -12.80
CA THR C 130 4.43 28.87 -11.44
C THR C 130 3.61 27.99 -10.52
N GLY C 131 3.96 27.95 -9.25
CA GLY C 131 3.14 27.25 -8.31
C GLY C 131 3.83 27.00 -6.98
N TRP C 132 3.09 26.37 -6.11
CA TRP C 132 3.54 26.03 -4.76
C TRP C 132 3.88 24.51 -4.68
N GLY C 133 4.03 23.85 -5.79
CA GLY C 133 4.33 22.42 -5.79
C GLY C 133 5.77 22.07 -5.34
N TYR C 134 6.02 20.77 -5.44
CA TYR C 134 7.25 20.16 -5.02
C TYR C 134 8.45 20.69 -5.81
N ARG C 135 9.58 20.70 -5.15
CA ARG C 135 10.86 20.98 -5.78
C ARG C 135 11.57 19.78 -6.38
N LYS C 136 11.05 18.61 -6.15
CA LYS C 136 11.58 17.36 -6.66
C LYS C 136 10.49 16.29 -6.47
N LEU C 137 10.67 15.15 -7.09
CA LEU C 137 9.61 14.12 -7.16
C LEU C 137 8.96 13.84 -5.86
N ARG C 138 9.70 13.68 -4.80
CA ARG C 138 9.10 13.49 -3.45
C ARG C 138 9.64 14.53 -2.48
N ASP C 139 8.72 15.35 -2.05
CA ASP C 139 9.03 16.62 -1.39
C ASP C 139 7.81 17.05 -0.68
N LYS C 140 7.67 18.36 -0.47
CA LYS C 140 6.51 18.91 0.19
C LYS C 140 6.04 20.15 -0.60
N ILE C 141 4.79 20.51 -0.42
CA ILE C 141 4.26 21.80 -0.92
C ILE C 141 5.17 22.89 -0.34
N GLN C 142 5.52 23.86 -1.17
CA GLN C 142 6.42 24.93 -0.79
C GLN C 142 5.60 26.14 -0.29
N ASN C 143 6.17 26.86 0.66
CA ASN C 143 5.48 27.99 1.22
C ASN C 143 5.42 29.18 0.22
N THR C 144 6.53 29.50 -0.40
CA THR C 144 6.58 30.67 -1.33
C THR C 144 6.37 30.30 -2.73
N LEU C 145 5.44 30.97 -3.38
CA LEU C 145 5.20 30.78 -4.82
C LEU C 145 6.50 30.78 -5.65
N GLN C 146 6.74 29.73 -6.39
CA GLN C 146 7.94 29.55 -7.21
C GLN C 146 7.68 29.76 -8.70
N LYS C 147 8.73 30.14 -9.41
CA LYS C 147 8.64 30.34 -10.85
C LYS C 147 9.86 29.73 -11.59
N ALA C 148 9.62 29.24 -12.79
CA ALA C 148 10.67 28.77 -13.63
C ALA C 148 10.35 29.04 -15.09
N LYS C 149 11.36 29.46 -15.84
CA LYS C 149 11.23 29.70 -17.30
C LYS C 149 11.54 28.41 -18.04
N ILE C 150 10.64 27.97 -18.89
CA ILE C 150 10.78 26.71 -19.59
C ILE C 150 10.35 26.90 -21.08
N PRO C 151 11.04 26.22 -22.01
CA PRO C 151 10.79 26.39 -23.43
C PRO C 151 9.72 25.41 -23.91
N LEU C 152 8.80 25.87 -24.76
CA LEU C 152 7.80 25.10 -25.37
C LEU C 152 8.51 24.13 -26.34
N VAL C 153 7.97 22.93 -26.43
CA VAL C 153 8.44 21.94 -27.37
C VAL C 153 7.28 21.67 -28.29
N THR C 154 7.62 21.30 -29.52
CA THR C 154 6.59 21.03 -30.55
C THR C 154 5.80 19.77 -30.20
N ASN C 155 4.52 19.70 -30.55
CA ASN C 155 3.78 18.47 -30.35
C ASN C 155 4.45 17.26 -30.90
N GLU C 156 5.06 17.38 -32.07
CA GLU C 156 5.72 16.26 -32.74
C GLU C 156 6.93 15.74 -31.95
N GLU C 157 7.74 16.65 -31.44
CA GLU C 157 8.82 16.30 -30.52
C GLU C 157 8.31 15.64 -29.22
N CYS C 158 7.23 16.19 -28.68
CA CYS C 158 6.67 15.71 -27.43
C CYS C 158 6.06 14.30 -27.58
N GLN C 159 5.39 14.02 -28.71
CA GLN C 159 4.93 12.63 -29.01
C GLN C 159 6.12 11.63 -29.08
N LYS C 160 7.26 12.06 -29.62
CA LYS C 160 8.41 11.19 -29.71
C LYS C 160 8.84 10.75 -28.31
N ARG C 161 8.65 11.61 -27.29
CA ARG C 161 9.07 11.31 -25.91
C ARG C 161 8.11 10.45 -25.14
N TYR C 162 6.84 10.50 -25.50
CA TYR C 162 5.79 9.84 -24.80
C TYR C 162 5.08 8.85 -25.75
N ARG C 163 5.87 7.90 -26.26
CA ARG C 163 5.36 6.80 -27.12
C ARG C 163 4.06 6.11 -26.62
N GLY C 164 3.93 5.92 -25.30
CA GLY C 164 2.76 5.32 -24.69
C GLY C 164 1.49 6.15 -24.65
N HIS C 165 1.60 7.48 -24.78
CA HIS C 165 0.46 8.37 -24.49
C HIS C 165 0.16 9.11 -25.77
N LYS C 166 -1.11 9.48 -25.97
CA LYS C 166 -1.56 10.26 -27.15
C LYS C 166 -1.51 11.74 -26.79
N ILE C 167 -0.44 12.35 -27.23
CA ILE C 167 -0.28 13.80 -27.12
C ILE C 167 -1.00 14.48 -28.28
N THR C 168 -2.19 15.02 -28.04
CA THR C 168 -3.00 15.68 -29.06
C THR C 168 -2.57 17.16 -29.26
N HIS C 169 -3.22 17.82 -30.18
CA HIS C 169 -3.07 19.27 -30.44
C HIS C 169 -3.74 20.09 -29.31
N LYS C 170 -4.56 19.45 -28.47
CA LYS C 170 -5.16 20.12 -27.35
C LYS C 170 -4.22 20.09 -26.10
N MET C 171 -2.99 19.66 -26.28
CA MET C 171 -1.95 19.61 -25.24
C MET C 171 -0.74 20.33 -25.77
N ILE C 172 -0.03 20.94 -24.84
CA ILE C 172 1.21 21.57 -25.17
C ILE C 172 2.30 21.10 -24.19
N CYS C 173 3.50 20.93 -24.69
CA CYS C 173 4.57 20.45 -23.86
C CYS C 173 5.63 21.50 -23.73
N ALA C 174 6.35 21.43 -22.61
CA ALA C 174 7.39 22.37 -22.29
C ALA C 174 8.45 21.72 -21.41
N GLY C 175 9.67 22.08 -21.63
CA GLY C 175 10.75 21.54 -20.89
C GLY C 175 12.04 21.56 -21.64
N TYR C 176 13.17 21.53 -20.92
CA TYR C 176 14.50 21.40 -21.55
C TYR C 176 14.85 19.93 -21.85
N ARG C 177 15.58 19.70 -22.94
CA ARG C 177 16.04 18.36 -23.36
C ARG C 177 16.71 17.62 -22.17
N GLU C 178 17.60 18.34 -21.50
CA GLU C 178 18.36 17.90 -20.35
C GLU C 178 17.57 17.89 -19.01
N GLY C 179 16.31 18.39 -19.00
CA GLY C 179 15.52 18.42 -17.78
C GLY C 179 15.97 19.53 -16.85
N GLY C 180 15.52 19.48 -15.60
CA GLY C 180 15.96 20.40 -14.55
C GLY C 180 14.97 21.49 -14.16
N LYS C 181 14.03 21.83 -15.03
CA LYS C 181 13.01 22.84 -14.75
C LYS C 181 11.70 22.37 -15.23
N ASP C 182 10.68 22.33 -14.35
CA ASP C 182 9.39 21.76 -14.69
C ASP C 182 8.39 22.06 -13.53
N ALA C 183 7.14 21.85 -13.82
CA ALA C 183 6.11 21.73 -12.87
C ALA C 183 6.34 20.37 -12.15
N CYS C 184 5.82 20.31 -10.93
CA CYS C 184 5.86 19.01 -10.22
C CYS C 184 4.55 18.82 -9.51
N LYS C 185 4.49 17.84 -8.58
CA LYS C 185 3.28 17.65 -7.84
C LYS C 185 2.87 18.90 -7.05
N GLY C 186 1.58 19.23 -7.06
CA GLY C 186 1.04 20.36 -6.41
C GLY C 186 0.99 21.61 -7.30
N ASP C 187 1.62 21.58 -8.43
CA ASP C 187 1.57 22.65 -9.40
C ASP C 187 0.39 22.57 -10.37
N ALA C 188 -0.21 21.38 -10.45
CA ALA C 188 -1.40 21.15 -11.34
C ALA C 188 -2.42 22.26 -11.29
N GLY C 189 -2.94 22.63 -12.47
CA GLY C 189 -4.08 23.53 -12.51
C GLY C 189 -3.59 25.00 -12.66
N GLY C 190 -2.33 25.27 -12.29
CA GLY C 190 -1.71 26.55 -12.38
C GLY C 190 -1.30 26.89 -13.83
N PRO C 191 -0.91 28.12 -14.05
CA PRO C 191 -0.62 28.57 -15.40
C PRO C 191 0.75 28.20 -15.94
N LEU C 192 0.80 28.09 -17.27
CA LEU C 192 1.98 28.26 -18.05
C LEU C 192 1.70 29.61 -18.76
N SER C 193 2.43 30.67 -18.39
CA SER C 193 2.15 32.07 -18.84
C SER C 193 3.30 32.44 -19.74
N CYS C 194 2.97 32.92 -20.92
CA CYS C 194 4.00 33.35 -21.83
C CYS C 194 3.86 34.85 -22.16
N LYS C 195 4.95 35.55 -22.07
CA LYS C 195 4.96 36.95 -22.32
C LYS C 195 5.37 37.19 -23.81
N HIS C 196 4.49 37.87 -24.54
CA HIS C 196 4.71 38.25 -25.97
C HIS C 196 4.14 39.62 -26.20
N ASN C 197 4.92 40.47 -26.86
CA ASN C 197 4.54 41.88 -27.10
C ASN C 197 4.15 42.56 -25.80
N GLU C 198 4.98 42.39 -24.77
CA GLU C 198 4.77 43.00 -23.47
C GLU C 198 3.43 42.61 -22.82
N VAL C 199 2.79 41.50 -23.24
CA VAL C 199 1.50 41.05 -22.64
C VAL C 199 1.69 39.59 -22.21
N TRP C 200 1.24 39.26 -20.99
CA TRP C 200 1.24 37.87 -20.52
C TRP C 200 -0.05 37.22 -21.04
N HIS C 201 0.12 36.05 -21.59
CA HIS C 201 -1.04 35.23 -22.04
C HIS C 201 -1.05 33.86 -21.34
N LEU C 202 -2.24 33.36 -21.08
CA LEU C 202 -2.45 32.03 -20.49
C LEU C 202 -2.39 31.02 -21.64
N VAL C 203 -1.23 30.45 -21.85
CA VAL C 203 -0.97 29.43 -22.87
C VAL C 203 -1.29 27.98 -22.45
N GLY C 204 -0.96 27.63 -21.18
CA GLY C 204 -1.18 26.29 -20.69
C GLY C 204 -1.69 26.22 -19.32
N ILE C 205 -2.30 25.07 -18.98
CA ILE C 205 -2.70 24.70 -17.62
C ILE C 205 -1.89 23.41 -17.27
N THR C 206 -1.13 23.46 -16.17
CA THR C 206 -0.26 22.37 -15.75
C THR C 206 -1.18 21.13 -15.52
N SER C 207 -0.83 20.04 -16.17
CA SER C 207 -1.72 18.86 -16.26
C SER C 207 -1.05 17.56 -15.82
N TRP C 208 0.09 17.25 -16.38
CA TRP C 208 0.67 15.91 -16.17
C TRP C 208 2.10 15.90 -16.61
N GLY C 209 2.87 14.91 -16.13
CA GLY C 209 4.15 14.62 -16.69
C GLY C 209 4.67 13.24 -16.16
N GLU C 210 5.74 12.75 -16.75
CA GLU C 210 6.40 11.52 -16.24
C GLU C 210 7.43 11.91 -15.26
N GLY C 211 7.01 11.94 -14.01
CA GLY C 211 7.87 12.48 -13.00
C GLY C 211 7.92 14.04 -13.13
N CYS C 212 9.04 14.56 -12.67
CA CYS C 212 9.26 16.02 -12.63
CA CYS C 212 9.25 16.01 -12.77
C CYS C 212 10.62 16.37 -13.19
N ALA C 213 10.66 17.15 -14.29
CA ALA C 213 11.90 17.70 -14.75
C ALA C 213 12.93 16.67 -15.17
N GLN C 214 12.49 15.52 -15.68
CA GLN C 214 13.44 14.53 -16.12
C GLN C 214 13.95 14.83 -17.53
N ARG C 215 15.19 14.45 -17.81
CA ARG C 215 15.74 14.42 -19.20
C ARG C 215 14.77 13.88 -20.26
N GLU C 216 14.62 14.59 -21.33
CA GLU C 216 13.72 14.16 -22.40
C GLU C 216 12.31 13.78 -22.03
N ARG C 217 11.76 14.39 -20.96
CA ARG C 217 10.38 14.11 -20.51
C ARG C 217 9.71 15.49 -20.16
N PRO C 218 9.34 16.23 -21.21
CA PRO C 218 8.74 17.53 -20.96
C PRO C 218 7.44 17.43 -20.19
N GLY C 219 7.14 18.47 -19.44
CA GLY C 219 5.82 18.46 -18.83
C GLY C 219 4.73 18.68 -19.88
N VAL C 220 3.53 18.21 -19.59
CA VAL C 220 2.44 18.37 -20.42
C VAL C 220 1.45 19.34 -19.77
N TYR C 221 0.87 20.18 -20.62
CA TYR C 221 -0.08 21.25 -20.28
C TYR C 221 -1.29 21.22 -21.15
N THR C 222 -2.45 21.53 -20.59
CA THR C 222 -3.63 21.68 -21.43
C THR C 222 -3.37 22.94 -22.30
N ASN C 223 -3.61 22.83 -23.60
CA ASN C 223 -3.28 23.90 -24.55
C ASN C 223 -4.49 24.83 -24.64
N VAL C 224 -4.39 25.94 -23.93
CA VAL C 224 -5.58 26.78 -23.63
C VAL C 224 -6.33 27.36 -24.89
N VAL C 225 -5.57 27.69 -25.86
CA VAL C 225 -6.09 28.31 -27.14
C VAL C 225 -7.12 27.33 -27.79
N GLU C 226 -6.93 26.02 -27.63
CA GLU C 226 -7.85 25.07 -28.16
C GLU C 226 -9.09 24.94 -27.38
N TYR C 227 -9.24 25.67 -26.26
CA TYR C 227 -10.41 25.66 -25.44
C TYR C 227 -11.11 27.00 -25.26
N VAL C 228 -10.66 28.01 -25.97
CA VAL C 228 -11.25 29.38 -25.90
C VAL C 228 -12.79 29.36 -26.11
N ASP C 229 -13.27 28.62 -27.15
CA ASP C 229 -14.74 28.43 -27.41
C ASP C 229 -15.45 27.79 -26.27
N TRP C 230 -14.84 26.72 -25.72
CA TRP C 230 -15.46 26.10 -24.56
C TRP C 230 -15.60 27.11 -23.42
N ILE C 231 -14.51 27.85 -23.17
CA ILE C 231 -14.48 28.78 -22.08
C ILE C 231 -15.60 29.83 -22.25
N LEU C 232 -15.67 30.41 -23.44
CA LEU C 232 -16.67 31.46 -23.74
C LEU C 232 -18.09 30.94 -23.60
N GLU C 233 -18.32 29.72 -24.06
CA GLU C 233 -19.64 29.13 -23.92
C GLU C 233 -20.03 28.87 -22.49
N LYS C 234 -19.10 28.31 -21.70
CA LYS C 234 -19.46 27.98 -20.35
C LYS C 234 -19.61 29.20 -19.49
N THR C 235 -18.86 30.24 -19.79
CA THR C 235 -18.93 31.49 -19.00
C THR C 235 -20.06 32.46 -19.41
N GLN C 236 -20.94 32.11 -20.35
CA GLN C 236 -22.12 32.98 -20.75
C GLN C 236 -23.45 32.26 -20.78
#